data_3HUF
#
_entry.id   3HUF
#
_cell.length_a   97.430
_cell.length_b   244.627
_cell.length_c   51.993
_cell.angle_alpha   90.00
_cell.angle_beta   90.00
_cell.angle_gamma   90.00
#
_symmetry.space_group_name_H-M   'P 21 21 2'
#
loop_
_entity.id
_entity.type
_entity.pdbx_description
1 polymer 'DNA repair and telomere maintenance protein nbs1'
2 polymer 'Double-strand break repair protein ctp1'
3 non-polymer 'THIOCYANATE ION'
4 water water
#
loop_
_entity_poly.entity_id
_entity_poly.type
_entity_poly.pdbx_seq_one_letter_code
_entity_poly.pdbx_strand_id
1 'polypeptide(L)'
;MWIIEAEGDILKGKSRILFPGTYIVGRNVSDDSSHIQVISKSISKRHARFTILTPSEKDYFTGGPCEFEVKDLDTKFGTK
VNEKVVGQNGDSYKEKDLKIQLGKCPFTINAYWRSMCIQFDNPEMLSQWASNLNLLGIPTGLRDSDATTHFVMNRQAGSS
ITVGTMYAFLKKTVIIDDSYLQYLSTVKESVIEDASLMPDALECFKNIIKNNDQFPSSPEDCINSLEGFSCAMLNTSSES
HHLLELLGLRISTFMSLGDIDKELISKTDFVVLNNAVYDSEKISFPEGIFCLTIEQLWKIIIERNSRELISKEIERLKYA
TLVPR
;
A,B,C
2 'polypeptide(L)' IQELD(SEP)T(TPO)DEDEI E
#
loop_
_chem_comp.id
_chem_comp.type
_chem_comp.name
_chem_comp.formula
SCN non-polymer 'THIOCYANATE ION' 'C N S -1'
#
# COMPACT_ATOMS: atom_id res chain seq x y z
N MET A 1 17.10 -1.37 7.26
CA MET A 1 17.30 -2.19 6.04
C MET A 1 18.41 -3.22 6.30
N TRP A 2 18.46 -4.26 5.49
CA TRP A 2 19.44 -5.32 5.64
C TRP A 2 20.68 -4.97 4.83
N ILE A 3 21.84 -5.25 5.42
CA ILE A 3 23.13 -5.06 4.77
C ILE A 3 23.98 -6.29 4.98
N ILE A 4 24.77 -6.68 3.98
CA ILE A 4 25.81 -7.71 4.17
C ILE A 4 27.22 -7.21 3.86
N GLU A 5 28.19 -7.72 4.60
CA GLU A 5 29.58 -7.52 4.32
C GLU A 5 30.32 -8.74 4.85
N ALA A 6 31.61 -8.85 4.54
CA ALA A 6 32.40 -9.99 4.99
C ALA A 6 33.83 -9.59 5.24
N GLU A 7 34.55 -10.43 5.98
CA GLU A 7 35.98 -10.29 6.18
C GLU A 7 36.64 -11.09 5.08
N GLY A 8 37.95 -10.96 4.94
CA GLY A 8 38.62 -11.49 3.76
C GLY A 8 38.07 -10.71 2.58
N ASP A 9 38.36 -11.20 1.38
CA ASP A 9 37.97 -10.48 0.19
C ASP A 9 36.83 -11.23 -0.51
N ILE A 10 36.06 -12.00 0.25
CA ILE A 10 35.08 -12.92 -0.35
C ILE A 10 33.90 -12.18 -1.00
N LEU A 11 33.63 -10.95 -0.54
CA LEU A 11 32.66 -10.07 -1.20
C LEU A 11 33.37 -8.89 -1.88
N LYS A 12 34.61 -9.13 -2.30
CA LYS A 12 35.47 -8.13 -2.94
C LYS A 12 35.73 -6.87 -2.11
N GLY A 13 35.61 -7.00 -0.79
CA GLY A 13 35.82 -5.84 0.11
C GLY A 13 34.68 -4.83 0.11
N LYS A 14 33.55 -5.23 -0.47
CA LYS A 14 32.38 -4.37 -0.56
C LYS A 14 31.25 -4.85 0.36
N SER A 15 30.41 -3.92 0.78
CA SER A 15 29.15 -4.26 1.46
C SER A 15 27.99 -4.12 0.50
N ARG A 16 26.82 -4.59 0.89
CA ARG A 16 25.68 -4.48 -0.02
C ARG A 16 24.36 -4.41 0.74
N ILE A 17 23.52 -3.45 0.35
CA ILE A 17 22.17 -3.37 0.89
C ILE A 17 21.22 -4.36 0.18
N LEU A 18 20.57 -5.22 0.96
CA LEU A 18 19.69 -6.23 0.40
C LEU A 18 18.24 -5.83 0.61
N PHE A 19 17.50 -5.71 -0.47
CA PHE A 19 16.10 -5.39 -0.38
C PHE A 19 15.27 -6.68 -0.31
N PRO A 20 14.03 -6.59 0.18
CA PRO A 20 13.04 -7.64 0.04
C PRO A 20 13.04 -8.28 -1.35
N GLY A 21 13.04 -9.61 -1.39
CA GLY A 21 13.06 -10.37 -2.63
C GLY A 21 14.02 -11.51 -2.41
N THR A 22 14.46 -12.13 -3.50
CA THR A 22 15.29 -13.31 -3.41
C THR A 22 16.63 -13.17 -4.13
N TYR A 23 17.68 -13.71 -3.52
CA TYR A 23 19.02 -13.66 -4.05
C TYR A 23 19.55 -15.08 -4.16
N ILE A 24 20.27 -15.37 -5.23
CA ILE A 24 21.08 -16.59 -5.28
C ILE A 24 22.52 -16.20 -5.04
N VAL A 25 23.13 -16.93 -4.12
CA VAL A 25 24.43 -16.63 -3.58
C VAL A 25 25.33 -17.81 -3.93
N GLY A 26 26.50 -17.54 -4.50
CA GLY A 26 27.35 -18.61 -5.01
C GLY A 26 28.64 -18.15 -5.65
N ARG A 27 29.55 -19.11 -5.82
CA ARG A 27 30.88 -18.87 -6.39
C ARG A 27 30.84 -18.46 -7.87
N ASN A 28 29.89 -19.01 -8.63
CA ASN A 28 29.83 -18.78 -10.07
C ASN A 28 28.55 -18.08 -10.49
N VAL A 29 28.43 -16.83 -10.07
CA VAL A 29 27.19 -16.09 -10.17
C VAL A 29 27.64 -14.63 -10.26
N SER A 30 27.00 -13.81 -11.08
CA SER A 30 27.46 -12.42 -11.17
C SER A 30 26.59 -11.44 -10.40
N ASP A 31 27.23 -10.51 -9.70
CA ASP A 31 26.56 -9.53 -8.86
C ASP A 31 25.57 -8.66 -9.62
N ASP A 32 24.30 -9.04 -9.53
CA ASP A 32 23.25 -8.17 -10.04
C ASP A 32 22.13 -8.07 -9.02
N SER A 33 21.05 -7.42 -9.42
CA SER A 33 19.94 -7.16 -8.51
C SER A 33 19.38 -8.43 -7.85
N SER A 34 19.75 -9.61 -8.33
CA SER A 34 19.21 -10.84 -7.72
C SER A 34 20.23 -11.95 -7.49
N HIS A 35 21.51 -11.61 -7.60
CA HIS A 35 22.60 -12.58 -7.39
C HIS A 35 23.76 -11.94 -6.62
N ILE A 36 24.43 -12.77 -5.82
CA ILE A 36 25.56 -12.32 -5.02
C ILE A 36 26.69 -13.33 -5.21
N GLN A 37 27.78 -12.87 -5.80
CA GLN A 37 28.98 -13.67 -5.96
C GLN A 37 29.85 -13.66 -4.72
N VAL A 38 30.19 -14.87 -4.25
CA VAL A 38 31.03 -15.06 -3.10
C VAL A 38 32.07 -16.08 -3.48
N ILE A 39 33.33 -15.66 -3.57
CA ILE A 39 34.37 -16.52 -4.10
C ILE A 39 35.22 -17.17 -3.01
N SER A 40 35.15 -18.50 -2.94
CA SER A 40 35.99 -19.33 -2.08
C SER A 40 35.92 -20.77 -2.59
N LYS A 41 36.97 -21.55 -2.34
CA LYS A 41 37.08 -22.94 -2.76
C LYS A 41 35.86 -23.82 -2.44
N SER A 42 35.38 -23.72 -1.21
CA SER A 42 34.39 -24.68 -0.69
C SER A 42 32.94 -24.23 -0.88
N ILE A 43 32.76 -23.08 -1.50
CA ILE A 43 31.43 -22.54 -1.82
C ILE A 43 31.00 -23.11 -3.17
N SER A 44 29.81 -23.69 -3.23
CA SER A 44 29.25 -24.21 -4.48
C SER A 44 28.96 -23.09 -5.44
N LYS A 45 28.94 -23.43 -6.73
CA LYS A 45 28.64 -22.48 -7.81
C LYS A 45 27.38 -21.67 -7.55
N ARG A 46 26.27 -22.37 -7.27
CA ARG A 46 25.07 -21.76 -6.74
C ARG A 46 24.90 -22.38 -5.35
N HIS A 47 25.06 -21.60 -4.29
CA HIS A 47 25.22 -22.18 -2.95
C HIS A 47 24.01 -22.02 -2.02
N ALA A 48 23.53 -20.79 -1.89
CA ALA A 48 22.43 -20.46 -1.01
C ALA A 48 21.41 -19.54 -1.67
N ARG A 49 20.17 -19.60 -1.18
CA ARG A 49 19.18 -18.60 -1.49
C ARG A 49 18.87 -17.81 -0.22
N PHE A 50 18.92 -16.48 -0.32
CA PHE A 50 18.51 -15.58 0.74
C PHE A 50 17.20 -14.96 0.26
N THR A 51 16.16 -15.06 1.07
CA THR A 51 14.86 -14.46 0.77
C THR A 51 14.54 -13.52 1.91
N ILE A 52 14.32 -12.26 1.57
CA ILE A 52 13.98 -11.27 2.58
C ILE A 52 12.53 -10.92 2.37
N LEU A 53 11.72 -11.09 3.42
CA LEU A 53 10.31 -10.73 3.27
C LEU A 53 10.16 -9.24 3.42
N THR A 54 9.10 -8.72 2.85
CA THR A 54 8.72 -7.33 2.92
C THR A 54 8.27 -7.03 4.40
N PRO A 55 8.37 -5.77 4.86
CA PRO A 55 8.03 -5.56 6.28
C PRO A 55 6.54 -5.60 6.64
N SER A 56 6.21 -5.89 7.90
CA SER A 56 4.82 -5.78 8.34
C SER A 56 4.64 -4.47 9.08
N GLU A 57 3.38 -4.09 9.31
CA GLU A 57 3.06 -2.83 9.97
C GLU A 57 3.63 -2.79 11.38
N LYS A 58 3.61 -3.93 12.07
CA LYS A 58 4.18 -4.07 13.40
C LYS A 58 5.62 -3.67 13.53
N ASP A 59 6.41 -3.90 12.47
CA ASP A 59 7.85 -3.64 12.49
C ASP A 59 8.12 -2.14 12.53
N TYR A 60 7.18 -1.35 12.01
CA TYR A 60 7.29 0.14 12.08
C TYR A 60 7.29 0.58 13.56
N PHE A 61 6.52 -0.14 14.39
CA PHE A 61 6.45 0.17 15.82
C PHE A 61 7.51 -0.51 16.69
N THR A 62 7.91 -1.73 16.33
CA THR A 62 8.87 -2.48 17.18
C THR A 62 10.33 -2.20 16.78
N GLY A 63 10.53 -1.78 15.55
CA GLY A 63 11.88 -1.67 15.00
C GLY A 63 12.49 -3.02 14.61
N GLY A 64 11.67 -4.06 14.54
CA GLY A 64 12.15 -5.39 14.17
C GLY A 64 12.54 -5.43 12.68
N PRO A 65 13.43 -6.38 12.31
CA PRO A 65 13.88 -6.49 10.94
C PRO A 65 12.90 -7.23 10.01
N CYS A 66 13.07 -7.04 8.70
CA CYS A 66 12.38 -7.90 7.74
C CYS A 66 12.88 -9.32 7.94
N GLU A 67 11.96 -10.28 7.82
CA GLU A 67 12.33 -11.69 7.98
C GLU A 67 13.35 -12.08 6.91
N PHE A 68 14.43 -12.71 7.37
CA PHE A 68 15.55 -13.08 6.50
C PHE A 68 15.57 -14.61 6.49
N GLU A 69 15.42 -15.21 5.30
CA GLU A 69 15.42 -16.66 5.16
C GLU A 69 16.61 -17.12 4.35
N VAL A 70 17.14 -18.28 4.73
CA VAL A 70 18.32 -18.87 4.05
C VAL A 70 17.97 -20.32 3.72
N LYS A 71 18.08 -20.68 2.45
CA LYS A 71 18.05 -22.08 2.03
C LYS A 71 19.39 -22.54 1.49
N ASP A 72 19.79 -23.74 1.89
CA ASP A 72 20.98 -24.36 1.33
C ASP A 72 20.54 -25.03 0.04
N LEU A 73 21.28 -24.83 -1.05
CA LEU A 73 20.89 -25.40 -2.34
C LEU A 73 21.58 -26.74 -2.60
N ASP A 74 21.28 -27.71 -1.74
CA ASP A 74 21.80 -29.06 -1.80
C ASP A 74 23.33 -29.09 -2.10
N THR A 75 24.10 -28.38 -1.27
CA THR A 75 25.51 -28.12 -1.54
C THR A 75 26.44 -29.22 -1.02
N LYS A 76 27.68 -29.21 -1.53
CA LYS A 76 28.72 -30.12 -1.05
C LYS A 76 28.99 -29.98 0.44
N PHE A 77 29.24 -28.75 0.91
CA PHE A 77 29.69 -28.54 2.29
C PHE A 77 28.71 -27.88 3.27
N GLY A 78 27.49 -27.55 2.82
CA GLY A 78 26.45 -27.03 3.71
C GLY A 78 26.46 -25.52 3.95
N THR A 79 25.48 -25.04 4.71
CA THR A 79 25.34 -23.61 5.09
C THR A 79 24.95 -23.50 6.56
N LYS A 80 25.56 -22.56 7.28
CA LYS A 80 25.23 -22.35 8.69
C LYS A 80 24.86 -20.90 8.85
N VAL A 81 23.89 -20.63 9.72
CA VAL A 81 23.60 -19.27 10.16
C VAL A 81 23.80 -19.20 11.68
N ASN A 82 24.67 -18.31 12.14
CA ASN A 82 24.91 -18.20 13.59
C ASN A 82 25.21 -19.58 14.14
N GLU A 83 26.08 -20.31 13.42
CA GLU A 83 26.58 -21.66 13.80
C GLU A 83 25.57 -22.82 13.74
N LYS A 84 24.37 -22.56 13.28
CA LYS A 84 23.37 -23.60 13.13
C LYS A 84 23.26 -24.01 11.64
N VAL A 85 23.48 -25.29 11.38
CA VAL A 85 23.31 -25.89 10.05
C VAL A 85 21.90 -25.56 9.51
N VAL A 86 21.84 -25.07 8.27
CA VAL A 86 20.57 -24.86 7.60
C VAL A 86 20.07 -26.19 7.05
N GLY A 87 18.87 -26.58 7.50
CA GLY A 87 18.28 -27.86 7.12
C GLY A 87 17.61 -27.71 5.77
N GLN A 88 17.07 -28.81 5.24
CA GLN A 88 16.25 -28.70 4.04
C GLN A 88 15.01 -27.93 4.43
N ASN A 89 14.34 -27.32 3.46
CA ASN A 89 13.24 -26.37 3.74
C ASN A 89 13.72 -25.02 4.27
N GLY A 90 15.00 -24.92 4.62
CA GLY A 90 15.60 -23.65 5.02
C GLY A 90 15.28 -23.24 6.45
N ASP A 91 15.69 -22.04 6.82
CA ASP A 91 15.41 -21.45 8.13
C ASP A 91 15.08 -19.96 7.93
N SER A 92 14.32 -19.39 8.84
CA SER A 92 14.08 -17.96 8.85
C SER A 92 14.52 -17.35 10.15
N TYR A 93 14.95 -16.10 10.05
CA TYR A 93 15.60 -15.42 11.15
C TYR A 93 15.00 -14.04 11.29
N LYS A 94 14.68 -13.66 12.53
CA LYS A 94 14.28 -12.30 12.83
C LYS A 94 15.21 -11.59 13.80
N GLU A 95 16.43 -12.08 13.93
CA GLU A 95 17.46 -11.40 14.71
C GLU A 95 18.10 -10.35 13.82
N LYS A 96 18.78 -9.38 14.43
CA LYS A 96 19.34 -8.28 13.65
C LYS A 96 20.80 -8.48 13.23
N ASP A 97 21.39 -9.60 13.64
CA ASP A 97 22.77 -9.94 13.30
C ASP A 97 22.86 -11.40 12.91
N LEU A 98 23.24 -11.65 11.66
CA LEU A 98 23.39 -13.01 11.15
C LEU A 98 24.80 -13.25 10.62
N LYS A 99 25.42 -14.33 11.06
CA LYS A 99 26.75 -14.71 10.63
C LYS A 99 26.54 -15.95 9.77
N ILE A 100 26.75 -15.82 8.47
CA ILE A 100 26.37 -16.87 7.53
C ILE A 100 27.65 -17.46 6.94
N GLN A 101 27.84 -18.76 7.21
CA GLN A 101 28.99 -19.51 6.70
C GLN A 101 28.56 -20.41 5.53
N LEU A 102 29.19 -20.19 4.39
CA LEU A 102 28.94 -20.99 3.22
C LEU A 102 30.02 -22.01 3.10
N GLY A 103 29.63 -23.28 3.13
CA GLY A 103 30.58 -24.37 2.98
C GLY A 103 31.53 -24.41 4.16
N LYS A 104 32.82 -24.51 3.85
CA LYS A 104 33.86 -24.44 4.85
C LYS A 104 34.63 -23.13 4.74
N CYS A 105 34.01 -22.11 4.14
CA CYS A 105 34.73 -20.87 3.96
C CYS A 105 35.06 -20.26 5.31
N PRO A 106 36.35 -20.00 5.58
CA PRO A 106 36.74 -19.48 6.90
C PRO A 106 36.25 -18.06 7.19
N PHE A 107 35.73 -17.37 6.18
CA PHE A 107 35.16 -16.03 6.36
C PHE A 107 33.65 -16.04 6.23
N THR A 108 32.95 -15.49 7.21
CA THR A 108 31.48 -15.48 7.17
C THR A 108 30.91 -14.23 6.49
N ILE A 109 29.76 -14.40 5.85
CA ILE A 109 28.98 -13.27 5.39
C ILE A 109 28.22 -12.74 6.58
N ASN A 110 28.48 -11.49 6.94
CA ASN A 110 27.84 -10.87 8.08
C ASN A 110 26.69 -9.96 7.67
N ALA A 111 25.46 -10.41 7.97
CA ALA A 111 24.25 -9.63 7.70
C ALA A 111 23.80 -8.93 8.98
N TYR A 112 23.48 -7.65 8.86
CA TYR A 112 23.02 -6.87 9.99
C TYR A 112 21.95 -5.92 9.53
N TRP A 113 21.03 -5.63 10.45
CA TRP A 113 19.92 -4.77 10.18
C TRP A 113 20.30 -3.37 10.65
N ARG A 114 20.14 -2.38 9.78
CA ARG A 114 20.25 -0.98 10.19
C ARG A 114 18.82 -0.46 10.38
N SER A 115 18.56 0.19 11.52
CA SER A 115 17.26 0.80 11.83
C SER A 115 16.88 1.86 10.84
N MET A 116 15.65 1.78 10.34
CA MET A 116 15.12 2.79 9.44
C MET A 116 13.64 2.52 9.32
N CYS A 117 12.86 3.41 9.95
CA CYS A 117 11.40 3.37 9.94
C CYS A 117 10.95 4.79 9.70
N ILE A 118 10.06 4.96 8.73
CA ILE A 118 9.69 6.30 8.26
C ILE A 118 8.26 6.65 8.63
N GLN A 119 8.08 7.69 9.45
CA GLN A 119 6.75 8.18 9.79
C GLN A 119 6.33 9.25 8.81
N PHE A 120 5.06 9.23 8.39
CA PHE A 120 4.51 10.23 7.49
C PHE A 120 3.54 11.10 8.26
N ASP A 121 3.42 12.36 7.87
CA ASP A 121 2.55 13.27 8.58
C ASP A 121 1.14 13.29 7.99
N ASN A 122 0.95 12.57 6.89
CA ASN A 122 -0.23 12.74 6.09
C ASN A 122 -0.62 11.39 5.50
N PRO A 123 -1.89 10.99 5.65
CA PRO A 123 -2.38 9.70 5.19
C PRO A 123 -2.35 9.50 3.67
N GLU A 124 -2.58 10.57 2.91
CA GLU A 124 -2.53 10.50 1.45
C GLU A 124 -1.07 10.35 0.99
N MET A 125 -0.15 10.96 1.74
CA MET A 125 1.28 10.81 1.54
C MET A 125 1.74 9.38 1.83
N LEU A 126 1.34 8.85 2.97
CA LEU A 126 1.61 7.47 3.32
C LEU A 126 1.12 6.49 2.24
N SER A 127 -0.12 6.64 1.78
CA SER A 127 -0.69 5.72 0.80
C SER A 127 0.03 5.82 -0.55
N GLN A 128 0.55 6.99 -0.88
CA GLN A 128 1.24 7.13 -2.13
C GLN A 128 2.68 6.55 -2.12
N TRP A 129 3.36 6.63 -0.96
CA TRP A 129 4.76 6.25 -0.88
C TRP A 129 5.06 4.90 -0.20
N ALA A 130 4.07 4.35 0.53
CA ALA A 130 4.32 3.19 1.42
C ALA A 130 4.82 1.95 0.70
N SER A 131 4.13 1.56 -0.35
CA SER A 131 4.50 0.40 -1.17
C SER A 131 5.94 0.51 -1.71
N ASN A 132 6.31 1.70 -2.21
CA ASN A 132 7.65 2.03 -2.65
C ASN A 132 8.68 1.72 -1.56
N LEU A 133 8.45 2.24 -0.35
CA LEU A 133 9.44 2.11 0.74
C LEU A 133 9.46 0.71 1.31
N ASN A 134 8.29 0.09 1.39
CA ASN A 134 8.19 -1.28 1.87
C ASN A 134 9.04 -2.23 1.00
N LEU A 135 9.03 -2.00 -0.31
CA LEU A 135 9.82 -2.80 -1.25
C LEU A 135 11.32 -2.64 -1.08
N LEU A 136 11.75 -1.56 -0.43
CA LEU A 136 13.13 -1.39 -0.01
C LEU A 136 13.44 -2.00 1.36
N GLY A 137 12.42 -2.46 2.07
CA GLY A 137 12.57 -2.98 3.45
C GLY A 137 12.36 -1.93 4.53
N ILE A 138 11.68 -0.84 4.17
CA ILE A 138 11.51 0.28 5.09
C ILE A 138 10.07 0.31 5.61
N PRO A 139 9.86 -0.05 6.90
CA PRO A 139 8.51 0.10 7.47
C PRO A 139 8.10 1.56 7.56
N THR A 140 6.80 1.80 7.43
CA THR A 140 6.24 3.14 7.40
C THR A 140 4.96 3.15 8.22
N GLY A 141 4.52 4.35 8.61
CA GLY A 141 3.29 4.50 9.38
C GLY A 141 2.95 5.96 9.61
N LEU A 142 1.84 6.18 10.30
CA LEU A 142 1.30 7.51 10.54
C LEU A 142 1.42 7.86 12.02
N ARG A 143 1.10 6.88 12.87
CA ARG A 143 1.05 7.08 14.32
C ARG A 143 2.45 7.14 14.91
N ASP A 144 2.54 7.63 16.14
CA ASP A 144 3.83 7.75 16.78
C ASP A 144 4.44 6.38 17.05
N SER A 145 5.76 6.27 16.90
CA SER A 145 6.48 5.02 17.20
C SER A 145 7.84 5.36 17.80
N ASP A 146 8.31 4.53 18.71
CA ASP A 146 9.64 4.71 19.29
C ASP A 146 10.78 4.18 18.39
N ALA A 147 10.41 3.50 17.30
CA ALA A 147 11.37 2.98 16.34
C ALA A 147 11.57 3.87 15.10
N THR A 148 10.76 4.91 14.96
CA THR A 148 10.88 5.90 13.89
C THR A 148 12.27 6.50 13.88
N THR A 149 12.92 6.47 12.71
CA THR A 149 14.18 7.16 12.51
C THR A 149 14.02 8.43 11.66
N HIS A 150 13.02 8.47 10.79
CA HIS A 150 12.82 9.61 9.88
C HIS A 150 11.38 9.99 9.83
N PHE A 151 11.13 11.28 9.63
CA PHE A 151 9.78 11.81 9.63
C PHE A 151 9.58 12.65 8.39
N VAL A 152 8.57 12.32 7.59
CA VAL A 152 8.28 13.07 6.37
C VAL A 152 7.25 14.14 6.64
N MET A 153 7.67 15.40 6.64
CA MET A 153 6.73 16.52 6.80
C MET A 153 6.04 16.77 5.49
N ASN A 154 4.80 17.28 5.55
CA ASN A 154 4.12 17.73 4.33
C ASN A 154 4.86 18.92 3.71
N ARG A 155 4.65 19.11 2.41
CA ARG A 155 5.09 20.31 1.70
C ARG A 155 4.75 21.52 2.54
N GLN A 156 5.77 22.24 2.99
CA GLN A 156 5.61 23.41 3.87
C GLN A 156 5.07 24.57 3.06
N ALA A 157 3.82 24.45 2.65
CA ALA A 157 3.28 25.26 1.56
C ALA A 157 3.17 26.75 1.90
N GLY A 158 4.23 27.32 2.47
CA GLY A 158 4.20 28.66 3.06
C GLY A 158 3.33 28.77 4.31
N SER A 159 3.14 27.64 5.01
CA SER A 159 2.27 27.61 6.19
C SER A 159 2.95 26.98 7.41
N SER A 160 2.24 27.02 8.53
CA SER A 160 2.75 26.48 9.80
C SER A 160 3.04 24.98 9.70
N ILE A 161 4.07 24.53 10.42
CA ILE A 161 4.34 23.08 10.53
C ILE A 161 3.39 22.44 11.54
N THR A 162 3.17 21.14 11.41
CA THR A 162 2.25 20.41 12.28
C THR A 162 2.93 20.00 13.58
N VAL A 163 2.11 19.64 14.58
CA VAL A 163 2.58 19.10 15.86
C VAL A 163 3.46 17.85 15.68
N GLY A 164 3.13 17.03 14.69
CA GLY A 164 3.92 15.83 14.39
C GLY A 164 5.34 16.22 14.02
N THR A 165 5.45 17.30 13.26
CA THR A 165 6.76 17.80 12.86
C THR A 165 7.53 18.35 14.05
N MET A 166 6.86 19.16 14.87
CA MET A 166 7.47 19.76 16.05
C MET A 166 8.01 18.68 16.98
N TYR A 167 7.19 17.64 17.17
CA TYR A 167 7.53 16.51 18.00
C TYR A 167 8.72 15.73 17.47
N ALA A 168 8.72 15.44 16.17
CA ALA A 168 9.84 14.77 15.54
C ALA A 168 11.14 15.56 15.70
N PHE A 169 11.07 16.87 15.47
CA PHE A 169 12.23 17.74 15.67
C PHE A 169 12.81 17.63 17.08
N LEU A 170 11.93 17.68 18.07
CA LEU A 170 12.33 17.66 19.46
C LEU A 170 12.91 16.34 19.94
N LYS A 171 12.35 15.21 19.49
CA LYS A 171 12.92 13.92 19.88
C LYS A 171 14.12 13.49 18.99
N LYS A 172 14.65 14.45 18.24
CA LYS A 172 15.88 14.29 17.45
C LYS A 172 15.76 13.34 16.26
N THR A 173 14.53 13.19 15.76
CA THR A 173 14.27 12.43 14.56
C THR A 173 14.78 13.26 13.38
N VAL A 174 15.23 12.57 12.32
CA VAL A 174 15.65 13.23 11.08
C VAL A 174 14.41 13.60 10.25
N ILE A 175 14.27 14.88 9.93
CA ILE A 175 13.09 15.33 9.21
C ILE A 175 13.40 15.38 7.73
N ILE A 176 12.58 14.71 6.93
CA ILE A 176 12.84 14.70 5.50
C ILE A 176 11.62 15.21 4.78
N ASP A 177 11.71 15.28 3.46
CA ASP A 177 10.55 15.60 2.66
C ASP A 177 10.50 14.80 1.38
N ASP A 178 9.51 15.15 0.56
CA ASP A 178 9.27 14.66 -0.78
C ASP A 178 10.51 14.46 -1.64
N SER A 179 11.41 15.43 -1.64
CA SER A 179 12.63 15.37 -2.48
C SER A 179 13.52 14.17 -2.12
N TYR A 180 13.62 13.84 -0.84
CA TYR A 180 14.35 12.65 -0.42
C TYR A 180 13.60 11.37 -0.83
N LEU A 181 12.27 11.39 -0.74
CA LEU A 181 11.48 10.24 -1.16
C LEU A 181 11.68 9.98 -2.66
N GLN A 182 11.72 11.05 -3.45
CA GLN A 182 11.99 10.94 -4.88
C GLN A 182 13.34 10.24 -5.15
N TYR A 183 14.35 10.60 -4.36
CA TYR A 183 15.62 9.91 -4.35
C TYR A 183 15.46 8.42 -4.04
N LEU A 184 14.77 8.06 -2.95
CA LEU A 184 14.53 6.64 -2.67
C LEU A 184 13.84 5.85 -3.79
N SER A 185 13.00 6.51 -4.58
CA SER A 185 12.29 5.83 -5.66
C SER A 185 13.24 5.42 -6.79
N THR A 186 14.49 5.89 -6.69
CA THR A 186 15.56 5.65 -7.68
C THR A 186 16.27 4.29 -7.53
N VAL A 187 16.28 3.74 -6.32
CA VAL A 187 17.32 2.77 -5.90
C VAL A 187 17.08 1.24 -5.87
N LYS A 188 15.88 0.75 -6.19
CA LYS A 188 15.53 -0.68 -5.96
C LYS A 188 16.38 -1.64 -6.79
N GLU A 189 16.63 -1.27 -8.04
CA GLU A 189 17.40 -2.12 -8.93
C GLU A 189 18.94 -2.05 -8.70
N SER A 190 19.35 -1.17 -7.80
CA SER A 190 20.75 -0.84 -7.60
C SER A 190 21.50 -1.78 -6.69
N VAL A 191 22.78 -1.94 -6.97
CA VAL A 191 23.66 -2.58 -6.02
C VAL A 191 24.57 -1.54 -5.36
N ILE A 192 24.22 -1.21 -4.13
CA ILE A 192 24.85 -0.14 -3.41
C ILE A 192 25.26 -0.66 -2.03
N GLU A 193 26.24 0.02 -1.44
CA GLU A 193 26.86 -0.37 -0.22
C GLU A 193 26.15 0.18 1.02
N ASP A 194 26.51 -0.36 2.17
CA ASP A 194 26.02 0.04 3.48
C ASP A 194 25.99 1.57 3.64
N ALA A 195 24.92 2.07 4.23
CA ALA A 195 24.77 3.49 4.56
C ALA A 195 24.63 4.43 3.37
N SER A 196 24.34 3.87 2.19
CA SER A 196 24.22 4.69 0.97
C SER A 196 23.10 5.75 0.93
N LEU A 197 22.00 5.49 1.62
CA LEU A 197 20.82 6.36 1.56
C LEU A 197 20.69 7.30 2.77
N MET A 198 21.47 7.04 3.82
CA MET A 198 21.35 7.75 5.10
C MET A 198 21.89 9.16 5.14
N PRO A 199 23.12 9.40 4.62
CA PRO A 199 23.61 10.76 4.66
C PRO A 199 22.78 11.76 3.85
N ASP A 200 22.11 11.32 2.78
CA ASP A 200 21.32 12.24 1.96
C ASP A 200 20.12 12.68 2.74
N ALA A 201 19.62 11.79 3.61
CA ALA A 201 18.52 12.17 4.50
C ALA A 201 18.91 13.28 5.48
N LEU A 202 20.13 13.21 6.00
CA LEU A 202 20.64 14.21 6.93
C LEU A 202 20.88 15.53 6.20
N GLU A 203 21.34 15.46 4.95
CA GLU A 203 21.56 16.67 4.16
C GLU A 203 20.24 17.35 3.85
N CYS A 204 19.23 16.53 3.52
CA CYS A 204 17.88 17.01 3.30
C CYS A 204 17.37 17.74 4.55
N PHE A 205 17.52 17.11 5.70
CA PHE A 205 17.10 17.65 6.99
C PHE A 205 17.77 19.00 7.25
N LYS A 206 19.09 19.05 7.16
CA LYS A 206 19.85 20.26 7.40
C LYS A 206 19.43 21.40 6.47
N ASN A 207 19.07 21.06 5.22
CA ASN A 207 18.68 22.09 4.27
C ASN A 207 17.26 22.59 4.59
N ILE A 208 16.37 21.67 4.97
CA ILE A 208 14.99 22.02 5.35
C ILE A 208 14.92 23.13 6.40
N ILE A 209 15.66 22.97 7.50
CA ILE A 209 15.59 23.91 8.62
C ILE A 209 16.33 25.24 8.37
N LYS A 210 17.23 25.28 7.40
CA LYS A 210 17.91 26.53 6.98
C LYS A 210 16.90 27.58 6.52
N ASN A 211 17.12 28.84 6.89
CA ASN A 211 16.24 29.97 6.52
C ASN A 211 14.74 29.69 6.71
N ASN A 212 14.41 28.90 7.74
CA ASN A 212 13.05 28.43 7.93
C ASN A 212 12.49 28.95 9.26
N ASP A 213 11.51 29.86 9.21
CA ASP A 213 10.93 30.45 10.41
C ASP A 213 9.97 29.53 11.20
N GLN A 214 9.96 28.26 10.85
CA GLN A 214 9.16 27.30 11.58
C GLN A 214 10.07 26.45 12.47
N PHE A 215 11.38 26.63 12.29
CA PHE A 215 12.38 25.89 13.05
C PHE A 215 13.40 26.84 13.68
N PRO A 216 13.91 26.49 14.88
CA PRO A 216 15.11 27.17 15.35
C PRO A 216 16.35 26.44 14.80
N SER A 217 17.53 26.80 15.30
CA SER A 217 18.78 26.21 14.80
C SER A 217 18.92 24.70 15.04
N SER A 218 18.47 24.24 16.22
CA SER A 218 18.72 22.88 16.64
C SER A 218 17.64 22.41 17.61
N PRO A 219 17.46 21.08 17.74
CA PRO A 219 16.66 20.56 18.85
C PRO A 219 17.16 21.03 20.22
N GLU A 220 18.49 21.12 20.36
CA GLU A 220 19.15 21.44 21.62
C GLU A 220 18.74 22.78 22.25
N ASP A 221 18.49 23.80 21.44
CA ASP A 221 18.07 25.08 22.00
C ASP A 221 16.58 25.12 22.40
N CYS A 222 15.79 24.23 21.78
CA CYS A 222 14.37 24.09 22.09
C CYS A 222 14.14 23.31 23.38
N ILE A 223 14.96 22.28 23.57
CA ILE A 223 14.83 21.35 24.69
C ILE A 223 15.11 22.04 26.02
N ASN A 224 14.16 21.89 26.95
CA ASN A 224 14.16 22.56 28.27
C ASN A 224 14.13 24.09 28.28
N SER A 225 13.53 24.70 27.25
CA SER A 225 13.42 26.16 27.21
C SER A 225 12.35 26.72 28.16
N LEU A 226 11.42 25.86 28.60
CA LEU A 226 10.37 26.29 29.51
C LEU A 226 10.51 25.69 30.90
N GLU A 227 11.75 25.34 31.28
CA GLU A 227 11.98 24.80 32.62
C GLU A 227 11.64 25.86 33.66
N GLY A 228 11.08 25.42 34.79
CA GLY A 228 10.53 26.34 35.78
C GLY A 228 9.03 26.54 35.65
N PHE A 229 8.52 26.38 34.42
CA PHE A 229 7.08 26.49 34.16
C PHE A 229 6.35 25.17 34.43
N SER A 230 5.00 25.28 34.48
CA SER A 230 4.15 24.12 34.64
C SER A 230 2.87 24.28 33.81
N CYS A 231 2.24 23.17 33.48
CA CYS A 231 1.02 23.21 32.68
C CYS A 231 0.04 22.10 33.03
N ALA A 232 -1.09 22.06 32.33
CA ALA A 232 -2.09 21.01 32.47
C ALA A 232 -2.80 20.72 31.15
N MET A 233 -3.07 19.44 30.85
CA MET A 233 -4.03 19.11 29.78
C MET A 233 -4.92 17.89 29.99
N LEU A 234 -5.98 17.84 29.16
CA LEU A 234 -7.05 16.83 29.23
C LEU A 234 -6.67 15.55 28.52
N ASN A 235 -6.67 14.43 29.25
CA ASN A 235 -6.26 13.12 28.76
C ASN A 235 -5.05 13.21 27.86
N THR A 236 -3.96 13.73 28.39
CA THR A 236 -2.73 13.81 27.60
C THR A 236 -2.33 12.42 27.15
N SER A 237 -2.16 12.29 25.84
CA SER A 237 -1.48 11.16 25.24
C SER A 237 -0.06 11.17 25.79
N SER A 238 0.59 10.02 25.78
CA SER A 238 1.95 9.94 26.29
C SER A 238 2.94 10.68 25.36
N GLU A 239 2.54 10.87 24.11
CA GLU A 239 3.32 11.61 23.12
C GLU A 239 3.29 13.12 23.40
N SER A 240 2.11 13.68 23.65
CA SER A 240 2.01 15.11 23.97
C SER A 240 2.63 15.42 25.32
N HIS A 241 2.46 14.52 26.28
CA HIS A 241 3.16 14.59 27.58
C HIS A 241 4.68 14.60 27.37
N HIS A 242 5.17 13.71 26.53
CA HIS A 242 6.60 13.65 26.29
C HIS A 242 7.10 14.90 25.55
N LEU A 243 6.30 15.38 24.61
CA LEU A 243 6.56 16.63 23.91
C LEU A 243 6.72 17.79 24.93
N LEU A 244 5.78 17.92 25.85
CA LEU A 244 5.82 18.97 26.87
C LEU A 244 6.95 18.78 27.89
N GLU A 245 7.20 17.53 28.27
CA GLU A 245 8.39 17.18 29.04
C GLU A 245 9.66 17.72 28.39
N LEU A 246 9.83 17.42 27.09
CA LEU A 246 10.99 17.87 26.32
C LEU A 246 11.18 19.40 26.33
N LEU A 247 10.11 20.14 26.59
CA LEU A 247 10.17 21.60 26.72
C LEU A 247 10.52 21.99 28.15
N GLY A 248 10.65 21.00 29.03
CA GLY A 248 11.01 21.23 30.43
C GLY A 248 9.84 21.61 31.32
N LEU A 249 8.62 21.40 30.83
CA LEU A 249 7.42 21.72 31.58
C LEU A 249 7.08 20.68 32.65
N ARG A 250 6.34 21.11 33.66
CA ARG A 250 5.75 20.23 34.66
C ARG A 250 4.29 20.04 34.28
N ILE A 251 3.86 18.79 34.11
CA ILE A 251 2.52 18.54 33.56
C ILE A 251 1.60 17.88 34.59
N SER A 252 0.35 18.35 34.63
CA SER A 252 -0.68 17.73 35.44
C SER A 252 -1.84 17.34 34.55
N THR A 253 -2.09 16.03 34.45
CA THR A 253 -3.14 15.49 33.60
C THR A 253 -4.45 15.38 34.38
N PHE A 254 -5.50 15.99 33.84
CA PHE A 254 -6.83 15.88 34.43
C PHE A 254 -7.78 15.08 33.54
N MET A 255 -8.89 14.66 34.14
CA MET A 255 -9.81 13.73 33.50
C MET A 255 -10.99 14.45 32.84
N LYS A 262 -8.74 23.99 42.67
CA LYS A 262 -7.94 24.95 43.47
C LYS A 262 -6.45 24.62 43.36
N GLU A 263 -6.14 23.46 42.79
CA GLU A 263 -4.77 23.00 42.64
C GLU A 263 -4.47 22.74 41.17
N LEU A 264 -5.53 22.81 40.37
CA LEU A 264 -5.44 22.75 38.91
C LEU A 264 -5.26 24.15 38.37
N ILE A 265 -5.51 25.15 39.22
CA ILE A 265 -5.74 26.51 38.77
C ILE A 265 -4.61 27.48 39.14
N SER A 266 -4.23 27.50 40.42
CA SER A 266 -3.25 28.45 40.91
C SER A 266 -1.81 27.92 40.92
N LYS A 267 -1.67 26.59 40.85
CA LYS A 267 -0.35 25.97 40.80
C LYS A 267 0.11 25.88 39.35
N THR A 268 -0.86 25.79 38.45
CA THR A 268 -0.61 25.58 37.03
C THR A 268 -0.61 26.90 36.26
N ASP A 269 0.49 27.14 35.54
CA ASP A 269 0.70 28.39 34.81
C ASP A 269 -0.19 28.59 33.57
N PHE A 270 -0.48 27.51 32.86
CA PHE A 270 -1.43 27.54 31.73
C PHE A 270 -1.98 26.16 31.38
N VAL A 271 -3.09 26.15 30.63
CA VAL A 271 -3.67 24.93 30.10
C VAL A 271 -3.26 24.72 28.63
N VAL A 272 -2.70 23.57 28.32
CA VAL A 272 -2.47 23.17 26.92
C VAL A 272 -3.69 22.42 26.41
N LEU A 273 -4.19 22.77 25.23
CA LEU A 273 -5.34 22.07 24.67
C LEU A 273 -4.99 21.20 23.46
N ASN A 274 -5.54 19.99 23.42
CA ASN A 274 -5.52 19.09 22.25
C ASN A 274 -4.20 19.03 21.47
N GLY A 288 -12.28 30.23 33.89
CA GLY A 288 -11.61 31.48 33.50
C GLY A 288 -10.09 31.26 33.28
N ILE A 289 -9.75 29.94 33.14
CA ILE A 289 -8.35 29.53 32.96
C ILE A 289 -7.74 30.07 31.66
N PHE A 290 -6.37 30.21 31.69
CA PHE A 290 -5.64 30.66 30.51
C PHE A 290 -5.16 29.47 29.65
N CYS A 291 -5.61 29.45 28.39
CA CYS A 291 -5.32 28.33 27.48
C CYS A 291 -4.40 28.67 26.30
N LEU A 292 -3.67 27.65 25.85
CA LEU A 292 -2.77 27.72 24.70
C LEU A 292 -2.85 26.40 23.92
N THR A 293 -2.67 26.47 22.60
CA THR A 293 -2.42 25.26 21.80
C THR A 293 -0.91 25.04 21.78
N ILE A 294 -0.48 23.81 21.47
CA ILE A 294 0.95 23.52 21.24
C ILE A 294 1.47 24.34 20.07
N GLU A 295 0.62 24.50 19.06
CA GLU A 295 0.87 25.35 17.89
C GLU A 295 1.22 26.77 18.32
N GLN A 296 0.45 27.31 19.28
CA GLN A 296 0.72 28.64 19.82
C GLN A 296 1.99 28.66 20.68
N LEU A 297 2.20 27.57 21.41
CA LEU A 297 3.37 27.41 22.28
C LEU A 297 4.68 27.31 21.48
N TRP A 298 4.62 26.68 20.31
CA TRP A 298 5.77 26.56 19.40
C TRP A 298 6.20 27.93 18.88
N LYS A 299 5.23 28.79 18.56
CA LYS A 299 5.51 30.15 18.10
C LYS A 299 6.34 30.93 19.10
N ILE A 300 6.07 30.73 20.39
CA ILE A 300 6.80 31.39 21.47
C ILE A 300 8.14 30.68 21.71
N ILE A 301 8.14 29.36 21.54
CA ILE A 301 9.31 28.53 21.85
C ILE A 301 10.49 28.82 20.91
N ILE A 302 10.15 29.36 19.74
CA ILE A 302 11.09 29.90 18.77
C ILE A 302 11.39 31.35 19.10
N GLU A 303 10.36 32.20 18.99
CA GLU A 303 10.47 33.66 18.85
C GLU A 303 11.70 34.33 19.48
N ARG A 304 11.57 34.73 20.74
CA ARG A 304 12.57 35.58 21.39
C ARG A 304 13.86 34.87 21.82
N ASN A 305 14.80 35.66 22.36
CA ASN A 305 16.19 35.23 22.58
C ASN A 305 16.41 34.31 23.77
N SER A 306 16.62 34.91 24.95
CA SER A 306 17.14 34.23 26.14
C SER A 306 16.18 33.27 26.86
N ARG A 307 16.43 33.09 28.17
CA ARG A 307 15.52 32.37 29.05
C ARG A 307 14.62 33.37 29.77
N GLU A 308 15.05 34.63 29.78
CA GLU A 308 14.26 35.73 30.33
C GLU A 308 13.69 36.58 29.20
N LEU A 309 13.58 35.99 28.01
CA LEU A 309 13.01 36.66 26.83
C LEU A 309 12.04 35.76 26.05
N ILE A 310 12.53 34.57 25.65
CA ILE A 310 11.70 33.58 24.96
C ILE A 310 10.70 32.91 25.90
N SER A 311 10.93 33.08 27.20
CA SER A 311 10.02 32.63 28.24
C SER A 311 9.46 33.85 28.99
N LYS A 312 9.59 35.03 28.39
CA LYS A 312 9.01 36.26 28.93
C LYS A 312 7.75 36.66 28.18
N GLU A 313 7.64 36.24 26.92
CA GLU A 313 6.43 36.43 26.14
C GLU A 313 5.34 35.46 26.62
N ILE A 314 5.78 34.29 27.06
CA ILE A 314 4.89 33.29 27.68
C ILE A 314 4.49 33.74 29.09
N GLU A 315 5.36 34.53 29.71
CA GLU A 315 5.11 35.09 31.05
C GLU A 315 4.34 36.40 30.98
N ARG A 316 4.20 36.94 29.77
CA ARG A 316 3.36 38.11 29.53
C ARG A 316 1.92 37.67 29.28
N LEU A 317 1.77 36.51 28.62
CA LEU A 317 0.46 35.98 28.27
C LEU A 317 -0.31 35.37 29.47
N LYS A 318 0.55 35.11 30.57
CA LYS A 318 -0.02 34.57 31.81
C LYS A 318 -0.60 35.64 32.73
N TYR A 319 0.18 36.71 32.96
CA TYR A 319 -0.23 37.81 33.83
C TYR A 319 -1.43 38.59 33.29
N ALA A 320 -1.41 38.86 31.98
CA ALA A 320 -2.54 39.51 31.31
C ALA A 320 -3.74 38.54 31.25
N MET B 1 -18.72 8.90 -28.33
CA MET B 1 -19.93 8.89 -27.48
C MET B 1 -20.66 10.23 -27.59
N TRP B 2 -21.97 10.22 -27.36
CA TRP B 2 -22.74 11.46 -27.32
C TRP B 2 -22.60 12.23 -25.99
N ILE B 3 -22.42 13.53 -26.08
CA ILE B 3 -22.30 14.42 -24.94
C ILE B 3 -23.33 15.51 -25.11
N ILE B 4 -23.99 15.88 -23.99
CA ILE B 4 -24.83 17.08 -23.95
C ILE B 4 -24.32 18.10 -22.91
N GLU B 5 -24.47 19.38 -23.24
CA GLU B 5 -24.20 20.50 -22.34
C GLU B 5 -25.06 21.67 -22.78
N ALA B 6 -25.22 22.67 -21.93
CA ALA B 6 -26.06 23.82 -22.26
C ALA B 6 -25.46 25.06 -21.68
N GLU B 7 -25.79 26.21 -22.27
CA GLU B 7 -25.45 27.49 -21.68
C GLU B 7 -26.60 27.84 -20.76
N GLY B 8 -26.40 28.90 -19.97
CA GLY B 8 -27.25 29.09 -18.80
C GLY B 8 -27.01 27.89 -17.87
N ASP B 9 -27.96 27.70 -16.97
CA ASP B 9 -27.81 26.72 -15.94
C ASP B 9 -28.85 25.62 -16.09
N ILE B 10 -29.38 25.44 -17.30
CA ILE B 10 -30.50 24.51 -17.50
C ILE B 10 -30.11 23.04 -17.33
N LEU B 11 -28.82 22.74 -17.48
CA LEU B 11 -28.29 21.40 -17.19
C LEU B 11 -27.39 21.46 -15.96
N LYS B 12 -27.69 22.40 -15.07
CA LYS B 12 -26.96 22.63 -13.81
C LYS B 12 -25.46 22.89 -14.02
N GLY B 13 -25.08 23.26 -15.25
CA GLY B 13 -23.69 23.64 -15.55
C GLY B 13 -22.79 22.41 -15.69
N LYS B 14 -23.39 21.26 -15.94
CA LYS B 14 -22.64 20.04 -16.20
C LYS B 14 -22.83 19.61 -17.64
N SER B 15 -21.81 18.94 -18.18
CA SER B 15 -21.96 18.20 -19.42
C SER B 15 -22.33 16.80 -19.01
N ARG B 16 -22.78 15.97 -19.97
CA ARG B 16 -23.07 14.59 -19.66
C ARG B 16 -22.91 13.66 -20.84
N ILE B 17 -22.32 12.50 -20.60
CA ILE B 17 -22.25 11.43 -21.62
C ILE B 17 -23.56 10.61 -21.66
N LEU B 18 -24.14 10.50 -22.83
CA LEU B 18 -25.32 9.67 -23.03
C LEU B 18 -25.00 8.38 -23.77
N PHE B 19 -25.28 7.27 -23.14
CA PHE B 19 -25.05 5.97 -23.74
C PHE B 19 -26.30 5.61 -24.55
N PRO B 20 -26.19 4.66 -25.50
CA PRO B 20 -27.37 4.24 -26.20
C PRO B 20 -28.48 3.86 -25.24
N GLY B 21 -29.71 3.98 -25.72
CA GLY B 21 -30.89 3.75 -24.90
C GLY B 21 -31.81 4.97 -24.95
N THR B 22 -32.76 4.99 -24.04
CA THR B 22 -33.86 5.94 -24.03
C THR B 22 -33.81 6.83 -22.81
N TYR B 23 -34.11 8.12 -23.00
CA TYR B 23 -34.11 9.15 -21.95
C TYR B 23 -35.37 10.01 -22.03
N ILE B 24 -36.03 10.19 -20.88
CA ILE B 24 -37.08 11.22 -20.80
C ILE B 24 -36.47 12.50 -20.25
N VAL B 25 -36.79 13.62 -20.91
CA VAL B 25 -36.14 14.92 -20.71
C VAL B 25 -37.20 15.95 -20.31
N GLY B 26 -37.01 16.60 -19.18
CA GLY B 26 -38.05 17.50 -18.70
C GLY B 26 -37.69 18.21 -17.42
N ARG B 27 -38.60 19.03 -16.90
CA ARG B 27 -38.29 19.78 -15.70
C ARG B 27 -38.59 18.97 -14.44
N ASN B 28 -39.37 17.90 -14.57
CA ASN B 28 -39.75 17.12 -13.40
C ASN B 28 -39.35 15.65 -13.45
N VAL B 29 -38.12 15.41 -13.89
CA VAL B 29 -37.52 14.08 -13.81
C VAL B 29 -36.19 14.24 -13.06
N SER B 30 -35.63 13.16 -12.57
CA SER B 30 -34.32 13.24 -11.93
C SER B 30 -33.23 13.16 -12.98
N ASP B 31 -31.97 13.19 -12.56
CA ASP B 31 -30.88 12.87 -13.47
C ASP B 31 -30.43 11.45 -13.16
N ASP B 32 -30.66 10.54 -14.11
CA ASP B 32 -30.21 9.15 -13.96
C ASP B 32 -30.05 8.50 -15.32
N SER B 33 -29.88 7.18 -15.33
CA SER B 33 -29.51 6.49 -16.59
C SER B 33 -30.58 6.53 -17.67
N SER B 34 -31.80 6.91 -17.32
CA SER B 34 -32.84 7.08 -18.33
C SER B 34 -33.61 8.39 -18.25
N HIS B 35 -33.07 9.36 -17.49
CA HIS B 35 -33.77 10.62 -17.32
C HIS B 35 -32.77 11.77 -17.31
N ILE B 36 -33.18 12.88 -17.94
CA ILE B 36 -32.36 14.09 -17.99
C ILE B 36 -33.24 15.24 -17.55
N GLN B 37 -32.91 15.85 -16.41
CA GLN B 37 -33.61 17.05 -15.96
C GLN B 37 -33.11 18.38 -16.56
N VAL B 38 -34.04 19.12 -17.15
CA VAL B 38 -33.76 20.42 -17.74
C VAL B 38 -34.74 21.43 -17.14
N ILE B 39 -34.22 22.46 -16.47
CA ILE B 39 -35.12 23.40 -15.80
C ILE B 39 -35.25 24.76 -16.49
N SER B 40 -36.46 25.01 -16.99
CA SER B 40 -36.90 26.32 -17.47
C SER B 40 -38.43 26.29 -17.44
N LYS B 41 -39.07 27.46 -17.37
CA LYS B 41 -40.53 27.49 -17.18
C LYS B 41 -41.39 27.02 -18.36
N SER B 42 -40.92 27.21 -19.59
CA SER B 42 -41.71 26.75 -20.76
C SER B 42 -41.53 25.25 -21.06
N ILE B 43 -40.52 24.65 -20.44
CA ILE B 43 -40.27 23.23 -20.57
C ILE B 43 -41.24 22.46 -19.70
N SER B 44 -41.89 21.45 -20.28
CA SER B 44 -42.88 20.64 -19.60
C SER B 44 -42.24 19.70 -18.58
N LYS B 45 -43.08 19.19 -17.67
CA LYS B 45 -42.67 18.21 -16.67
C LYS B 45 -41.92 17.03 -17.31
N ARG B 46 -42.51 16.46 -18.35
CA ARG B 46 -41.85 15.53 -19.25
C ARG B 46 -41.99 16.13 -20.64
N HIS B 47 -40.90 16.62 -21.22
CA HIS B 47 -40.95 17.39 -22.45
C HIS B 47 -40.59 16.58 -23.69
N ALA B 48 -39.46 15.88 -23.66
CA ALA B 48 -39.00 15.15 -24.84
C ALA B 48 -38.45 13.79 -24.47
N ARG B 49 -38.43 12.91 -25.47
CA ARG B 49 -37.74 11.64 -25.38
C ARG B 49 -36.55 11.69 -26.35
N PHE B 50 -35.36 11.35 -25.84
CA PHE B 50 -34.15 11.20 -26.64
C PHE B 50 -33.87 9.72 -26.74
N THR B 51 -33.77 9.19 -27.96
CA THR B 51 -33.36 7.81 -28.18
C THR B 51 -32.05 7.77 -28.98
N ILE B 52 -31.05 7.12 -28.39
CA ILE B 52 -29.77 6.92 -29.02
C ILE B 52 -29.64 5.43 -29.32
N LEU B 53 -29.42 5.11 -30.60
CA LEU B 53 -29.26 3.72 -31.02
C LEU B 53 -27.84 3.25 -30.77
N THR B 54 -27.70 1.94 -30.70
CA THR B 54 -26.44 1.24 -30.56
C THR B 54 -25.65 1.41 -31.88
N PRO B 55 -24.29 1.44 -31.81
CA PRO B 55 -23.54 1.55 -33.06
C PRO B 55 -23.64 0.32 -33.96
N SER B 56 -23.38 0.53 -35.26
CA SER B 56 -23.26 -0.55 -36.21
C SER B 56 -21.80 -0.70 -36.55
N GLU B 57 -21.43 -1.84 -37.12
CA GLU B 57 -20.05 -2.08 -37.50
C GLU B 57 -19.45 -1.00 -38.40
N LYS B 58 -20.23 -0.51 -39.38
CA LYS B 58 -19.80 0.62 -40.22
C LYS B 58 -19.22 1.83 -39.45
N ASP B 59 -19.82 2.17 -38.31
CA ASP B 59 -19.41 3.32 -37.51
C ASP B 59 -17.98 3.20 -36.95
N TYR B 60 -17.51 1.98 -36.73
CA TYR B 60 -16.13 1.76 -36.31
C TYR B 60 -15.14 2.27 -37.38
N PHE B 61 -15.55 2.16 -38.65
CA PHE B 61 -14.71 2.56 -39.79
C PHE B 61 -14.91 4.00 -40.22
N THR B 62 -16.14 4.47 -40.20
CA THR B 62 -16.48 5.83 -40.62
C THR B 62 -16.25 6.86 -39.51
N GLY B 63 -16.33 6.43 -38.25
CA GLY B 63 -16.29 7.41 -37.15
C GLY B 63 -17.61 8.17 -36.98
N GLY B 64 -18.66 7.69 -37.64
CA GLY B 64 -19.99 8.29 -37.58
C GLY B 64 -20.62 8.07 -36.22
N PRO B 65 -21.57 8.97 -35.85
CA PRO B 65 -22.19 8.88 -34.54
C PRO B 65 -23.30 7.84 -34.47
N CYS B 66 -23.56 7.33 -33.27
CA CYS B 66 -24.80 6.58 -33.00
C CYS B 66 -25.96 7.49 -33.41
N GLU B 67 -26.99 6.91 -34.00
CA GLU B 67 -28.16 7.68 -34.41
C GLU B 67 -28.86 8.24 -33.17
N PHE B 68 -29.29 9.51 -33.28
CA PHE B 68 -29.87 10.28 -32.18
C PHE B 68 -31.28 10.71 -32.59
N GLU B 69 -32.27 10.20 -31.87
CA GLU B 69 -33.66 10.49 -32.16
C GLU B 69 -34.26 11.37 -31.09
N VAL B 70 -35.13 12.28 -31.52
CA VAL B 70 -35.79 13.23 -30.65
C VAL B 70 -37.30 13.18 -30.92
N LYS B 71 -38.10 13.09 -29.86
CA LYS B 71 -39.55 13.21 -29.96
C LYS B 71 -40.02 14.30 -28.99
N ASP B 72 -40.99 15.09 -29.41
CA ASP B 72 -41.74 15.96 -28.50
C ASP B 72 -42.89 15.17 -27.88
N LEU B 73 -43.09 15.30 -26.57
CA LEU B 73 -44.11 14.52 -25.87
C LEU B 73 -45.45 15.28 -25.70
N ASP B 74 -45.96 15.81 -26.82
CA ASP B 74 -47.22 16.57 -26.86
C ASP B 74 -47.16 17.73 -25.88
N THR B 75 -46.14 18.56 -26.01
CA THR B 75 -45.94 19.66 -25.09
C THR B 75 -46.68 20.92 -25.52
N LYS B 76 -46.87 21.81 -24.55
CA LYS B 76 -47.47 23.12 -24.76
C LYS B 76 -46.73 23.96 -25.79
N PHE B 77 -45.39 23.94 -25.72
CA PHE B 77 -44.58 24.88 -26.51
C PHE B 77 -43.64 24.21 -27.52
N GLY B 78 -43.74 22.89 -27.66
CA GLY B 78 -43.04 22.16 -28.72
C GLY B 78 -41.55 21.96 -28.49
N THR B 79 -40.92 21.28 -29.44
CA THR B 79 -39.49 21.00 -29.42
C THR B 79 -38.94 21.29 -30.81
N LYS B 80 -37.72 21.81 -30.85
CA LYS B 80 -37.03 22.05 -32.11
C LYS B 80 -35.64 21.45 -32.06
N VAL B 81 -35.15 21.02 -33.22
CA VAL B 81 -33.76 20.56 -33.39
C VAL B 81 -33.20 21.28 -34.60
N ASN B 82 -32.09 21.99 -34.40
CA ASN B 82 -31.49 22.86 -35.43
C ASN B 82 -32.52 23.79 -36.10
N GLU B 83 -33.30 24.45 -35.24
CA GLU B 83 -34.31 25.44 -35.63
C GLU B 83 -35.53 24.89 -36.40
N LYS B 84 -35.59 23.56 -36.51
CA LYS B 84 -36.67 22.88 -37.21
C LYS B 84 -37.57 22.15 -36.21
N VAL B 85 -38.87 22.45 -36.24
CA VAL B 85 -39.87 21.87 -35.34
C VAL B 85 -39.87 20.33 -35.40
N VAL B 86 -39.67 19.69 -34.26
CA VAL B 86 -39.77 18.23 -34.18
C VAL B 86 -41.21 17.86 -34.41
N GLY B 87 -41.46 17.25 -35.56
CA GLY B 87 -42.82 16.93 -35.99
C GLY B 87 -43.42 15.86 -35.11
N GLN B 88 -44.63 15.45 -35.45
CA GLN B 88 -45.28 14.33 -34.78
C GLN B 88 -44.43 13.08 -34.92
N ASN B 89 -44.35 12.31 -33.83
CA ASN B 89 -43.62 11.03 -33.84
C ASN B 89 -42.12 11.19 -34.14
N GLY B 90 -41.60 12.40 -33.97
CA GLY B 90 -40.16 12.63 -33.90
C GLY B 90 -39.34 12.73 -35.17
N ASP B 91 -38.03 12.79 -34.98
CA ASP B 91 -37.04 12.91 -36.05
C ASP B 91 -35.75 12.21 -35.62
N SER B 92 -34.95 11.78 -36.59
CA SER B 92 -33.69 11.11 -36.30
C SER B 92 -32.53 11.78 -37.01
N TYR B 93 -31.36 11.72 -36.37
CA TYR B 93 -30.23 12.53 -36.76
C TYR B 93 -28.96 11.72 -36.70
N LYS B 94 -28.08 11.93 -37.67
CA LYS B 94 -26.81 11.25 -37.69
C LYS B 94 -25.67 12.23 -37.92
N GLU B 95 -25.93 13.51 -37.70
CA GLU B 95 -24.87 14.51 -37.72
C GLU B 95 -24.17 14.48 -36.36
N LYS B 96 -23.01 15.09 -36.25
CA LYS B 96 -22.24 15.03 -35.00
C LYS B 96 -22.49 16.20 -34.05
N ASP B 97 -23.37 17.12 -34.46
CA ASP B 97 -23.79 18.26 -33.64
C ASP B 97 -25.29 18.44 -33.75
N LEU B 98 -25.96 18.62 -32.61
CA LEU B 98 -27.39 18.90 -32.58
C LEU B 98 -27.67 20.06 -31.63
N LYS B 99 -28.67 20.86 -31.97
CA LYS B 99 -29.05 22.01 -31.17
C LYS B 99 -30.51 21.81 -30.82
N ILE B 100 -30.79 21.52 -29.55
CA ILE B 100 -32.15 21.18 -29.14
C ILE B 100 -32.78 22.29 -28.28
N GLN B 101 -33.89 22.83 -28.74
CA GLN B 101 -34.63 23.84 -27.98
C GLN B 101 -35.93 23.25 -27.46
N LEU B 102 -36.06 23.23 -26.15
CA LEU B 102 -37.28 22.76 -25.52
C LEU B 102 -38.15 23.98 -25.21
N GLY B 103 -39.41 23.92 -25.65
CA GLY B 103 -40.35 25.02 -25.50
C GLY B 103 -39.80 26.36 -25.98
N LYS B 104 -40.03 27.39 -25.18
CA LYS B 104 -39.52 28.73 -25.47
C LYS B 104 -38.21 29.06 -24.73
N CYS B 105 -37.64 28.05 -24.06
CA CYS B 105 -36.40 28.23 -23.31
C CYS B 105 -35.37 28.88 -24.20
N PRO B 106 -34.78 30.01 -23.74
CA PRO B 106 -33.75 30.75 -24.50
C PRO B 106 -32.47 29.95 -24.73
N PHE B 107 -32.22 28.95 -23.89
CA PHE B 107 -31.00 28.19 -24.03
C PHE B 107 -31.24 26.85 -24.71
N THR B 108 -30.31 26.45 -25.56
CA THR B 108 -30.41 25.19 -26.26
C THR B 108 -29.60 24.11 -25.55
N ILE B 109 -30.05 22.88 -25.69
CA ILE B 109 -29.22 21.73 -25.34
C ILE B 109 -28.31 21.42 -26.53
N ASN B 110 -27.01 21.49 -26.29
CA ASN B 110 -26.03 21.22 -27.32
C ASN B 110 -25.50 19.81 -27.22
N ALA B 111 -25.93 18.97 -28.18
CA ALA B 111 -25.42 17.61 -28.30
C ALA B 111 -24.27 17.57 -29.30
N TYR B 112 -23.19 16.91 -28.92
CA TYR B 112 -22.09 16.70 -29.83
C TYR B 112 -21.48 15.33 -29.68
N TRP B 113 -21.06 14.77 -30.79
CA TRP B 113 -20.43 13.46 -30.81
C TRP B 113 -18.94 13.67 -30.60
N ARG B 114 -18.37 12.97 -29.63
CA ARG B 114 -16.93 12.91 -29.46
C ARG B 114 -16.44 11.52 -29.93
N SER B 115 -15.51 11.53 -30.88
CA SER B 115 -14.93 10.32 -31.47
C SER B 115 -14.39 9.34 -30.46
N MET B 116 -14.81 8.09 -30.57
CA MET B 116 -14.22 7.01 -29.80
C MET B 116 -14.54 5.69 -30.45
N CYS B 117 -13.51 5.01 -30.98
CA CYS B 117 -13.62 3.72 -31.67
C CYS B 117 -12.45 2.89 -31.21
N ILE B 118 -12.72 1.63 -30.85
CA ILE B 118 -11.70 0.82 -30.22
C ILE B 118 -11.38 -0.41 -31.08
N GLN B 119 -10.15 -0.45 -31.57
CA GLN B 119 -9.64 -1.61 -32.27
C GLN B 119 -9.11 -2.61 -31.27
N PHE B 120 -9.36 -3.88 -31.54
CA PHE B 120 -8.77 -4.94 -30.78
C PHE B 120 -7.68 -5.63 -31.59
N ASP B 121 -6.61 -6.02 -30.91
CA ASP B 121 -5.56 -6.80 -31.53
C ASP B 121 -6.02 -8.24 -31.76
N ASN B 122 -6.81 -8.75 -30.83
CA ASN B 122 -7.15 -10.16 -30.79
C ASN B 122 -8.67 -10.37 -31.00
N PRO B 123 -9.05 -11.36 -31.86
CA PRO B 123 -10.43 -11.72 -32.16
C PRO B 123 -11.27 -12.28 -31.01
N GLU B 124 -10.69 -13.11 -30.13
CA GLU B 124 -11.44 -13.59 -28.97
C GLU B 124 -11.65 -12.50 -27.90
N MET B 125 -10.72 -11.57 -27.80
CA MET B 125 -10.95 -10.41 -26.95
C MET B 125 -12.08 -9.53 -27.50
N LEU B 126 -12.03 -9.21 -28.79
CA LEU B 126 -13.17 -8.58 -29.44
C LEU B 126 -14.51 -9.26 -29.13
N SER B 127 -14.61 -10.57 -29.35
CA SER B 127 -15.87 -11.26 -29.13
C SER B 127 -16.34 -11.17 -27.66
N GLN B 128 -15.38 -11.18 -26.75
CA GLN B 128 -15.65 -11.09 -25.33
C GLN B 128 -16.15 -9.70 -24.97
N TRP B 129 -15.51 -8.66 -25.51
CA TRP B 129 -15.76 -7.30 -25.03
C TRP B 129 -16.71 -6.42 -25.84
N ALA B 130 -17.04 -6.83 -27.07
CA ALA B 130 -17.79 -5.99 -28.01
C ALA B 130 -19.15 -5.51 -27.51
N SER B 131 -19.96 -6.42 -26.96
CA SER B 131 -21.30 -6.08 -26.43
C SER B 131 -21.29 -4.98 -25.38
N ASN B 132 -20.53 -5.18 -24.32
CA ASN B 132 -20.34 -4.15 -23.28
C ASN B 132 -20.00 -2.78 -23.87
N LEU B 133 -19.01 -2.73 -24.74
CA LEU B 133 -18.54 -1.47 -25.33
C LEU B 133 -19.58 -0.86 -26.27
N ASN B 134 -20.25 -1.71 -27.04
CA ASN B 134 -21.27 -1.26 -27.96
C ASN B 134 -22.45 -0.66 -27.19
N LEU B 135 -22.71 -1.19 -26.00
CA LEU B 135 -23.78 -0.68 -25.11
C LEU B 135 -23.43 0.68 -24.49
N LEU B 136 -22.18 1.10 -24.58
CA LEU B 136 -21.82 2.47 -24.21
C LEU B 136 -21.78 3.42 -25.42
N GLY B 137 -22.02 2.90 -26.60
CA GLY B 137 -21.95 3.70 -27.83
C GLY B 137 -20.54 3.76 -28.40
N ILE B 138 -19.72 2.75 -28.11
CA ILE B 138 -18.34 2.71 -28.59
C ILE B 138 -18.19 1.61 -29.64
N PRO B 139 -18.07 2.01 -30.93
CA PRO B 139 -17.87 1.05 -32.01
C PRO B 139 -16.56 0.31 -31.86
N THR B 140 -16.51 -0.88 -32.43
CA THR B 140 -15.47 -1.79 -32.08
C THR B 140 -15.09 -2.60 -33.35
N GLY B 141 -13.85 -3.04 -33.48
CA GLY B 141 -13.47 -3.77 -34.69
C GLY B 141 -12.06 -4.32 -34.62
N LEU B 142 -11.69 -5.03 -35.67
CA LEU B 142 -10.43 -5.74 -35.74
C LEU B 142 -9.53 -5.15 -36.83
N ARG B 143 -10.10 -4.93 -38.01
CA ARG B 143 -9.34 -4.46 -39.18
C ARG B 143 -9.03 -3.00 -39.02
N ASP B 144 -8.06 -2.51 -39.79
CA ASP B 144 -7.63 -1.12 -39.68
C ASP B 144 -8.75 -0.12 -39.95
N SER B 145 -8.76 0.96 -39.19
CA SER B 145 -9.73 2.02 -39.39
C SER B 145 -9.05 3.34 -39.17
N ASP B 146 -9.40 4.33 -39.97
CA ASP B 146 -8.90 5.69 -39.71
C ASP B 146 -9.69 6.43 -38.64
N ALA B 147 -10.76 5.79 -38.12
CA ALA B 147 -11.55 6.37 -37.02
C ALA B 147 -11.14 5.87 -35.60
N THR B 148 -10.28 4.85 -35.56
CA THR B 148 -9.72 4.30 -34.32
C THR B 148 -9.07 5.37 -33.44
N THR B 149 -9.45 5.38 -32.15
CA THR B 149 -8.88 6.30 -31.17
C THR B 149 -8.07 5.54 -30.13
N HIS B 150 -8.41 4.25 -29.95
CA HIS B 150 -7.82 3.39 -28.93
C HIS B 150 -7.63 1.99 -29.47
N PHE B 151 -6.59 1.31 -28.98
CA PHE B 151 -6.19 0.02 -29.47
C PHE B 151 -5.89 -0.87 -28.31
N VAL B 152 -6.60 -2.00 -28.27
CA VAL B 152 -6.45 -2.95 -27.19
C VAL B 152 -5.45 -4.03 -27.54
N MET B 153 -4.32 -4.04 -26.85
CA MET B 153 -3.31 -5.05 -27.10
C MET B 153 -3.57 -6.27 -26.23
N ASN B 154 -3.02 -7.40 -26.62
CA ASN B 154 -3.10 -8.57 -25.76
C ASN B 154 -2.02 -8.45 -24.71
N ARG B 155 -2.41 -8.48 -23.44
CA ARG B 155 -1.48 -8.42 -22.32
C ARG B 155 -0.48 -9.57 -22.40
N GLN B 156 -0.99 -10.80 -22.28
CA GLN B 156 -0.20 -12.05 -22.36
C GLN B 156 1.32 -11.87 -22.25
N SER B 159 4.99 -12.27 -24.55
CA SER B 159 4.15 -12.12 -25.74
C SER B 159 4.56 -10.92 -26.59
N SER B 160 5.37 -11.20 -27.61
CA SER B 160 5.95 -10.17 -28.49
C SER B 160 4.92 -9.31 -29.24
N ILE B 161 5.28 -8.03 -29.47
CA ILE B 161 4.42 -6.96 -30.02
C ILE B 161 3.98 -7.18 -31.48
N THR B 162 2.67 -7.15 -31.74
CA THR B 162 2.18 -7.34 -33.13
C THR B 162 2.35 -6.11 -34.01
N VAL B 163 2.21 -6.28 -35.31
CA VAL B 163 2.31 -5.18 -36.26
C VAL B 163 1.18 -4.14 -36.09
N GLY B 164 -0.02 -4.63 -35.83
CA GLY B 164 -1.16 -3.75 -35.49
C GLY B 164 -0.85 -2.81 -34.32
N THR B 165 -0.30 -3.38 -33.26
CA THR B 165 0.19 -2.59 -32.11
C THR B 165 1.24 -1.55 -32.51
N MET B 166 2.21 -1.96 -33.34
CA MET B 166 3.24 -1.02 -33.80
C MET B 166 2.63 0.16 -34.54
N TYR B 167 1.70 -0.16 -35.45
CA TYR B 167 1.08 0.83 -36.30
C TYR B 167 0.24 1.79 -35.45
N ALA B 168 -0.55 1.21 -34.54
CA ALA B 168 -1.35 2.02 -33.61
C ALA B 168 -0.43 2.97 -32.84
N PHE B 169 0.67 2.44 -32.29
CA PHE B 169 1.64 3.29 -31.62
C PHE B 169 2.09 4.45 -32.51
N LEU B 170 2.54 4.13 -33.72
CA LEU B 170 3.07 5.09 -34.67
C LEU B 170 2.04 6.15 -35.07
N LYS B 171 0.77 5.74 -35.19
CA LYS B 171 -0.33 6.62 -35.59
C LYS B 171 -0.79 7.55 -34.46
N LYS B 172 -0.22 7.37 -33.27
CA LYS B 172 -0.55 8.20 -32.09
C LYS B 172 -1.95 7.89 -31.51
N THR B 173 -2.37 6.64 -31.71
CA THR B 173 -3.52 6.06 -31.08
C THR B 173 -3.14 5.74 -29.64
N VAL B 174 -4.10 5.84 -28.74
CA VAL B 174 -3.89 5.50 -27.34
C VAL B 174 -3.95 3.96 -27.21
N ILE B 175 -2.90 3.37 -26.67
CA ILE B 175 -2.88 1.93 -26.47
C ILE B 175 -3.36 1.58 -25.06
N ILE B 176 -4.29 0.63 -24.99
CA ILE B 176 -4.94 0.25 -23.73
C ILE B 176 -4.89 -1.25 -23.59
N ASP B 177 -5.40 -1.76 -22.48
CA ASP B 177 -5.46 -3.19 -22.25
C ASP B 177 -6.79 -3.51 -21.57
N ASP B 178 -6.99 -4.76 -21.15
CA ASP B 178 -8.30 -5.15 -20.61
C ASP B 178 -8.60 -4.67 -19.19
N SER B 179 -7.59 -4.16 -18.49
CA SER B 179 -7.82 -3.48 -17.20
C SER B 179 -8.65 -2.19 -17.40
N TYR B 180 -8.41 -1.49 -18.50
CA TYR B 180 -9.21 -0.32 -18.82
C TYR B 180 -10.62 -0.72 -19.27
N LEU B 181 -10.72 -1.86 -19.94
CA LEU B 181 -12.01 -2.36 -20.39
C LEU B 181 -12.87 -2.82 -19.21
N GLN B 182 -12.23 -3.43 -18.22
CA GLN B 182 -12.86 -3.77 -16.93
C GLN B 182 -13.49 -2.52 -16.30
N TYR B 183 -12.71 -1.44 -16.24
CA TYR B 183 -13.18 -0.14 -15.81
C TYR B 183 -14.38 0.38 -16.64
N LEU B 184 -14.30 0.28 -17.97
CA LEU B 184 -15.44 0.60 -18.84
C LEU B 184 -16.74 -0.18 -18.51
N SER B 185 -16.61 -1.41 -18.03
CA SER B 185 -17.80 -2.22 -17.67
C SER B 185 -18.59 -1.74 -16.43
N THR B 186 -18.02 -0.81 -15.67
CA THR B 186 -18.64 -0.34 -14.41
C THR B 186 -19.45 0.96 -14.56
N VAL B 187 -19.59 1.42 -15.80
CA VAL B 187 -19.85 2.84 -16.07
C VAL B 187 -21.29 3.20 -16.59
N LYS B 188 -22.02 2.21 -17.09
CA LYS B 188 -23.29 2.44 -17.82
C LYS B 188 -24.44 3.10 -17.03
N GLU B 189 -24.52 2.83 -15.73
CA GLU B 189 -25.60 3.41 -14.90
C GLU B 189 -25.28 4.81 -14.35
N SER B 190 -24.05 5.27 -14.60
CA SER B 190 -23.57 6.50 -13.97
C SER B 190 -23.81 7.75 -14.80
N VAL B 191 -23.86 8.87 -14.08
CA VAL B 191 -24.13 10.18 -14.66
C VAL B 191 -22.81 10.94 -14.60
N ILE B 192 -22.13 10.99 -15.74
CA ILE B 192 -20.75 11.48 -15.77
C ILE B 192 -20.55 12.43 -16.94
N GLU B 193 -19.53 13.27 -16.82
CA GLU B 193 -19.34 14.40 -17.72
C GLU B 193 -18.45 14.08 -18.92
N ASP B 194 -18.44 15.02 -19.87
CA ASP B 194 -17.61 14.96 -21.08
C ASP B 194 -16.17 14.59 -20.76
N ALA B 195 -15.68 13.59 -21.48
CA ALA B 195 -14.27 13.15 -21.42
C ALA B 195 -13.87 12.39 -20.13
N SER B 196 -14.86 11.97 -19.33
CA SER B 196 -14.53 11.40 -18.02
C SER B 196 -13.91 10.02 -18.06
N LEU B 197 -14.00 9.34 -19.19
CA LEU B 197 -13.36 8.04 -19.35
C LEU B 197 -11.95 8.13 -19.96
N MET B 198 -11.57 9.32 -20.39
CA MET B 198 -10.30 9.53 -21.08
C MET B 198 -9.04 9.49 -20.18
N PRO B 199 -9.05 10.18 -19.02
CA PRO B 199 -7.84 10.11 -18.18
C PRO B 199 -7.40 8.69 -17.80
N ASP B 200 -8.32 7.80 -17.46
CA ASP B 200 -7.97 6.41 -17.17
C ASP B 200 -7.35 5.70 -18.38
N ALA B 201 -7.84 6.03 -19.57
CA ALA B 201 -7.27 5.50 -20.82
C ALA B 201 -5.82 5.97 -21.00
N LEU B 202 -5.59 7.27 -20.81
CA LEU B 202 -4.24 7.82 -20.93
C LEU B 202 -3.26 7.21 -19.92
N GLU B 203 -3.73 6.97 -18.69
CA GLU B 203 -2.92 6.39 -17.62
C GLU B 203 -2.58 4.93 -17.85
N CYS B 204 -3.54 4.21 -18.43
CA CYS B 204 -3.34 2.83 -18.84
C CYS B 204 -2.19 2.81 -19.84
N PHE B 205 -2.28 3.72 -20.80
CA PHE B 205 -1.30 3.84 -21.89
C PHE B 205 0.09 4.12 -21.32
N LYS B 206 0.19 5.10 -20.43
CA LYS B 206 1.46 5.44 -19.79
C LYS B 206 2.07 4.25 -19.06
N ASN B 207 1.22 3.46 -18.44
CA ASN B 207 1.68 2.29 -17.72
C ASN B 207 2.08 1.15 -18.62
N ILE B 208 1.46 1.08 -19.80
CA ILE B 208 1.83 0.08 -20.80
C ILE B 208 3.24 0.34 -21.31
N ILE B 209 3.52 1.58 -21.71
CA ILE B 209 4.83 2.01 -22.20
C ILE B 209 5.94 1.76 -21.19
N LYS B 210 5.70 2.16 -19.94
CA LYS B 210 6.65 2.06 -18.84
C LYS B 210 7.06 0.61 -18.58
N ASN B 211 6.09 -0.30 -18.65
CA ASN B 211 6.29 -1.69 -18.27
C ASN B 211 6.58 -2.66 -19.41
N ASN B 212 6.53 -2.16 -20.65
CA ASN B 212 6.76 -3.02 -21.79
C ASN B 212 7.98 -2.59 -22.60
N ASP B 213 8.94 -3.51 -22.70
CA ASP B 213 10.22 -3.30 -23.39
C ASP B 213 10.12 -3.23 -24.91
N GLN B 214 9.02 -3.75 -25.45
CA GLN B 214 8.75 -3.70 -26.88
C GLN B 214 8.39 -2.27 -27.35
N PHE B 215 8.19 -1.35 -26.40
CA PHE B 215 7.86 0.04 -26.75
C PHE B 215 8.97 1.01 -26.32
N PRO B 216 9.26 2.01 -27.16
CA PRO B 216 10.14 3.05 -26.66
C PRO B 216 9.30 4.10 -25.92
N SER B 217 9.96 5.16 -25.47
CA SER B 217 9.32 6.21 -24.69
C SER B 217 8.13 6.90 -25.35
N SER B 218 8.21 7.08 -26.67
CA SER B 218 7.14 7.76 -27.43
C SER B 218 7.20 7.39 -28.91
N PRO B 219 6.07 7.58 -29.64
CA PRO B 219 6.04 7.41 -31.10
C PRO B 219 7.15 8.16 -31.85
N GLU B 220 7.50 9.36 -31.36
CA GLU B 220 8.64 10.14 -31.85
C GLU B 220 9.98 9.40 -31.96
N ASP B 221 10.18 8.38 -31.12
CA ASP B 221 11.41 7.59 -31.18
C ASP B 221 11.44 6.66 -32.39
N CYS B 222 10.30 6.50 -33.03
CA CYS B 222 10.18 5.62 -34.19
C CYS B 222 9.86 6.38 -35.48
N ILE B 223 9.09 7.46 -35.37
CA ILE B 223 8.68 8.23 -36.54
C ILE B 223 9.91 8.81 -37.20
N ASN B 224 10.03 8.57 -38.52
CA ASN B 224 11.19 9.04 -39.30
C ASN B 224 12.55 8.48 -38.91
N SER B 225 12.57 7.37 -38.17
CA SER B 225 13.84 6.77 -37.74
C SER B 225 14.62 6.22 -38.94
N LEU B 226 13.90 5.86 -40.00
CA LEU B 226 14.46 5.33 -41.25
C LEU B 226 14.52 6.34 -42.39
N GLU B 227 14.45 7.64 -42.06
CA GLU B 227 14.47 8.65 -43.13
C GLU B 227 15.69 8.50 -44.01
N GLY B 228 15.47 8.46 -45.32
CA GLY B 228 16.56 8.32 -46.26
C GLY B 228 16.63 6.93 -46.87
N PHE B 229 16.02 5.93 -46.21
CA PHE B 229 15.98 4.60 -46.81
C PHE B 229 14.78 4.45 -47.73
N SER B 230 14.91 3.58 -48.72
CA SER B 230 13.76 3.21 -49.52
C SER B 230 13.59 1.68 -49.56
N CYS B 231 12.36 1.23 -49.75
CA CYS B 231 12.07 -0.19 -49.70
C CYS B 231 11.10 -0.58 -50.81
N ALA B 232 10.95 -1.89 -51.02
CA ALA B 232 9.98 -2.42 -51.96
C ALA B 232 9.11 -3.44 -51.23
N MET B 233 7.82 -3.50 -51.58
CA MET B 233 6.94 -4.46 -50.98
C MET B 233 5.90 -4.99 -51.98
N LEU B 234 5.53 -6.26 -51.81
CA LEU B 234 4.58 -6.96 -52.66
C LEU B 234 3.17 -6.62 -52.22
N ASN B 235 2.36 -6.15 -53.17
CA ASN B 235 0.93 -5.82 -52.93
C ASN B 235 0.73 -5.13 -51.62
N THR B 236 1.43 -4.02 -51.42
CA THR B 236 1.33 -3.34 -50.12
C THR B 236 -0.07 -2.77 -49.95
N SER B 237 -0.60 -2.92 -48.73
CA SER B 237 -1.86 -2.31 -48.36
C SER B 237 -1.58 -0.85 -48.04
N SER B 238 -2.63 -0.04 -48.00
CA SER B 238 -2.46 1.36 -47.70
C SER B 238 -2.02 1.57 -46.26
N GLU B 239 -2.41 0.64 -45.37
CA GLU B 239 -1.96 0.57 -43.95
C GLU B 239 -0.46 0.42 -43.84
N SER B 240 0.04 -0.64 -44.45
CA SER B 240 1.48 -0.92 -44.48
C SER B 240 2.20 0.20 -45.17
N HIS B 241 1.63 0.71 -46.26
CA HIS B 241 2.25 1.83 -46.93
C HIS B 241 2.38 3.00 -45.94
N HIS B 242 1.33 3.27 -45.17
CA HIS B 242 1.34 4.36 -44.22
C HIS B 242 2.28 4.10 -43.04
N LEU B 243 2.33 2.87 -42.55
CA LEU B 243 3.22 2.48 -41.47
C LEU B 243 4.69 2.68 -41.88
N LEU B 244 5.06 2.19 -43.05
CA LEU B 244 6.42 2.38 -43.55
C LEU B 244 6.73 3.86 -43.80
N GLU B 245 5.75 4.60 -44.31
CA GLU B 245 5.84 6.07 -44.42
C GLU B 245 6.08 6.76 -43.09
N LEU B 246 5.40 6.31 -42.04
CA LEU B 246 5.57 6.89 -40.71
C LEU B 246 7.00 6.67 -40.21
N LEU B 247 7.55 5.49 -40.52
CA LEU B 247 8.96 5.18 -40.25
C LEU B 247 9.97 6.03 -41.03
N GLY B 248 9.51 6.74 -42.06
CA GLY B 248 10.37 7.63 -42.86
C GLY B 248 10.76 7.05 -44.21
N LEU B 249 10.22 5.89 -44.53
CA LEU B 249 10.57 5.17 -45.76
C LEU B 249 9.90 5.73 -47.00
N ARG B 250 10.58 5.58 -48.13
CA ARG B 250 9.98 5.71 -49.45
C ARG B 250 9.67 4.27 -49.88
N ILE B 251 8.45 4.02 -50.38
CA ILE B 251 7.98 2.67 -50.73
C ILE B 251 7.72 2.50 -52.23
N SER B 252 8.36 1.52 -52.85
CA SER B 252 7.99 1.10 -54.20
C SER B 252 7.10 -0.13 -54.05
N THR B 253 5.98 -0.15 -54.78
CA THR B 253 5.08 -1.28 -54.68
C THR B 253 5.20 -2.11 -55.95
N PHE B 254 5.27 -3.43 -55.80
CA PHE B 254 5.19 -4.34 -56.94
C PHE B 254 4.12 -5.41 -56.72
N MET B 255 3.50 -5.83 -57.81
CA MET B 255 2.69 -7.05 -57.84
C MET B 255 3.60 -8.08 -58.49
N SER B 256 3.37 -9.36 -58.22
CA SER B 256 4.29 -10.37 -58.80
C SER B 256 3.67 -11.74 -59.02
N ASP B 259 8.26 -10.97 -60.15
CA ASP B 259 9.02 -10.21 -61.14
C ASP B 259 9.27 -8.77 -60.72
N ILE B 260 10.48 -8.54 -60.19
CA ILE B 260 10.93 -7.22 -59.75
C ILE B 260 12.26 -6.94 -60.44
N ASP B 261 12.26 -5.99 -61.37
CA ASP B 261 13.37 -5.83 -62.32
C ASP B 261 14.62 -5.10 -61.78
N LYS B 262 15.63 -4.99 -62.64
CA LYS B 262 16.93 -4.37 -62.31
C LYS B 262 16.80 -2.91 -61.88
N GLU B 263 15.91 -2.17 -62.56
CA GLU B 263 15.63 -0.77 -62.24
C GLU B 263 15.09 -0.61 -60.81
N LEU B 264 14.18 -1.49 -60.41
CA LEU B 264 13.65 -1.51 -59.05
C LEU B 264 14.71 -1.85 -57.99
N ILE B 265 15.51 -2.88 -58.25
CA ILE B 265 16.58 -3.33 -57.34
C ILE B 265 17.58 -2.23 -57.04
N SER B 266 18.04 -1.56 -58.11
CA SER B 266 19.03 -0.48 -57.99
C SER B 266 18.52 0.66 -57.11
N LYS B 267 17.23 0.98 -57.25
CA LYS B 267 16.64 2.11 -56.54
C LYS B 267 16.15 1.80 -55.10
N THR B 268 16.42 0.60 -54.59
CA THR B 268 15.77 0.15 -53.34
C THR B 268 16.79 -0.49 -52.38
N ASP B 269 16.67 -0.20 -51.08
CA ASP B 269 17.66 -0.65 -50.09
C ASP B 269 17.37 -2.04 -49.58
N PHE B 270 16.08 -2.33 -49.39
CA PHE B 270 15.65 -3.65 -48.97
C PHE B 270 14.20 -3.90 -49.38
N VAL B 271 13.85 -5.17 -49.49
CA VAL B 271 12.46 -5.57 -49.63
C VAL B 271 11.88 -5.74 -48.23
N VAL B 272 10.70 -5.16 -48.00
CA VAL B 272 9.96 -5.43 -46.78
C VAL B 272 8.95 -6.55 -47.06
N LEU B 273 9.11 -7.64 -46.32
CA LEU B 273 8.23 -8.80 -46.41
C LEU B 273 6.78 -8.47 -46.00
N ASN B 274 5.84 -8.80 -46.88
CA ASN B 274 4.40 -8.70 -46.57
C ASN B 274 3.92 -10.05 -46.09
N ASN B 275 3.34 -10.11 -44.89
CA ASN B 275 2.75 -11.37 -44.42
C ASN B 275 1.80 -11.97 -45.49
N ALA B 276 2.19 -13.13 -46.04
CA ALA B 276 1.47 -13.76 -47.13
C ALA B 276 1.63 -15.29 -47.10
N VAL B 277 2.85 -15.74 -46.80
CA VAL B 277 3.23 -17.17 -46.71
C VAL B 277 2.10 -18.19 -46.86
N SER B 284 9.51 -18.92 -51.12
CA SER B 284 10.53 -18.65 -52.13
C SER B 284 10.66 -17.14 -52.44
N PHE B 285 11.80 -16.77 -53.02
CA PHE B 285 12.07 -15.40 -53.44
C PHE B 285 13.07 -15.39 -54.60
N PRO B 286 14.22 -14.73 -54.39
CA PRO B 286 15.34 -14.74 -55.35
C PRO B 286 16.68 -14.49 -54.63
N GLU B 287 17.78 -14.90 -55.24
CA GLU B 287 19.11 -14.64 -54.69
C GLU B 287 19.51 -13.20 -54.98
N GLY B 288 20.36 -12.62 -54.12
CA GLY B 288 20.81 -11.23 -54.29
C GLY B 288 19.78 -10.18 -53.91
N ILE B 289 18.75 -10.61 -53.18
CA ILE B 289 17.72 -9.70 -52.67
C ILE B 289 17.79 -9.69 -51.15
N PHE B 290 17.89 -8.49 -50.57
CA PHE B 290 17.99 -8.32 -49.12
C PHE B 290 16.62 -7.91 -48.55
N CYS B 291 16.07 -8.74 -47.68
CA CYS B 291 14.74 -8.54 -47.13
C CYS B 291 14.75 -8.34 -45.65
N LEU B 292 13.74 -7.62 -45.15
CA LEU B 292 13.50 -7.49 -43.73
C LEU B 292 12.00 -7.56 -43.48
N THR B 293 11.61 -8.08 -42.31
CA THR B 293 10.22 -7.95 -41.85
C THR B 293 10.04 -6.66 -41.05
N ILE B 294 8.80 -6.19 -40.95
CA ILE B 294 8.46 -5.01 -40.14
C ILE B 294 8.88 -5.22 -38.67
N GLU B 295 8.74 -6.46 -38.20
CA GLU B 295 9.15 -6.85 -36.86
C GLU B 295 10.66 -6.73 -36.63
N GLN B 296 11.44 -7.10 -37.63
CA GLN B 296 12.90 -6.89 -37.60
C GLN B 296 13.23 -5.39 -37.58
N LEU B 297 12.59 -4.62 -38.45
CA LEU B 297 12.82 -3.18 -38.51
C LEU B 297 12.55 -2.56 -37.14
N TRP B 298 11.46 -2.97 -36.49
CA TRP B 298 11.06 -2.49 -35.17
C TRP B 298 12.10 -2.76 -34.07
N LYS B 299 12.54 -4.01 -33.95
CA LYS B 299 13.58 -4.32 -32.96
C LYS B 299 14.89 -3.53 -33.23
N ILE B 300 15.26 -3.37 -34.50
CA ILE B 300 16.44 -2.58 -34.86
C ILE B 300 16.29 -1.13 -34.37
N ILE B 301 15.13 -0.54 -34.60
CA ILE B 301 14.88 0.86 -34.26
C ILE B 301 14.80 1.08 -32.74
N ILE B 302 14.11 0.16 -32.09
CA ILE B 302 13.78 0.25 -30.67
C ILE B 302 15.00 0.10 -29.76
N GLU B 303 16.02 -0.61 -30.24
CA GLU B 303 17.18 -0.87 -29.39
C GLU B 303 18.27 0.16 -29.59
N ARG B 304 18.01 1.13 -30.45
CA ARG B 304 19.00 2.16 -30.78
C ARG B 304 18.48 3.56 -30.53
N ASN B 305 19.36 4.41 -30.03
CA ASN B 305 18.99 5.74 -29.58
C ASN B 305 19.30 6.83 -30.61
N SER B 306 19.68 6.44 -31.83
CA SER B 306 19.94 7.40 -32.88
C SER B 306 19.71 6.82 -34.27
N ARG B 307 19.33 7.69 -35.20
CA ARG B 307 19.09 7.28 -36.57
C ARG B 307 20.35 6.84 -37.27
N GLU B 308 21.47 7.44 -36.86
CA GLU B 308 22.79 7.06 -37.36
C GLU B 308 23.12 5.62 -36.98
N LEU B 309 22.76 5.19 -35.78
CA LEU B 309 23.08 3.83 -35.35
C LEU B 309 22.17 2.85 -36.06
N ILE B 310 20.93 3.28 -36.30
CA ILE B 310 19.93 2.47 -37.00
C ILE B 310 20.37 2.30 -38.45
N SER B 311 20.74 3.41 -39.08
CA SER B 311 21.19 3.38 -40.46
C SER B 311 22.47 2.54 -40.65
N LYS B 312 23.42 2.64 -39.72
CA LYS B 312 24.61 1.79 -39.76
C LYS B 312 24.29 0.30 -39.56
N GLU B 313 23.33 -0.03 -38.68
CA GLU B 313 22.91 -1.42 -38.55
C GLU B 313 22.26 -1.96 -39.85
N ILE B 314 21.39 -1.18 -40.47
CA ILE B 314 20.77 -1.62 -41.70
C ILE B 314 21.79 -1.82 -42.83
N GLU B 315 22.69 -0.86 -43.00
CA GLU B 315 23.78 -0.98 -43.98
C GLU B 315 24.68 -2.20 -43.75
N ARG B 316 24.91 -2.50 -42.47
CA ARG B 316 25.75 -3.65 -42.06
C ARG B 316 25.02 -4.93 -42.45
N LEU B 317 23.72 -5.01 -42.19
CA LEU B 317 22.92 -6.18 -42.55
C LEU B 317 22.87 -6.40 -44.06
N LYS B 318 22.73 -5.31 -44.82
CA LYS B 318 22.69 -5.37 -46.29
C LYS B 318 23.99 -5.92 -46.85
N TYR B 319 25.10 -5.37 -46.37
CA TYR B 319 26.43 -5.86 -46.72
C TYR B 319 26.62 -7.34 -46.35
N ALA B 320 26.27 -7.72 -45.11
CA ALA B 320 26.44 -9.10 -44.64
C ALA B 320 25.58 -10.10 -45.46
N THR B 321 24.42 -9.63 -45.93
CA THR B 321 23.53 -10.45 -46.77
C THR B 321 24.06 -10.55 -48.20
N LEU B 322 24.41 -9.41 -48.78
CA LEU B 322 24.66 -9.33 -50.24
C LEU B 322 26.09 -9.48 -50.75
N VAL B 323 27.06 -8.93 -50.02
CA VAL B 323 28.42 -8.88 -50.55
C VAL B 323 29.10 -10.23 -50.35
N PRO B 324 29.70 -10.77 -51.44
CA PRO B 324 30.45 -12.04 -51.41
C PRO B 324 31.61 -11.99 -50.43
N ARG B 325 31.80 -13.08 -49.70
CA ARG B 325 32.88 -13.21 -48.73
C ARG B 325 34.17 -13.46 -49.49
N MET C 1 -3.82 -4.38 31.36
CA MET C 1 -4.20 -3.28 32.30
C MET C 1 -3.27 -3.23 33.52
N TRP C 2 -3.23 -2.07 34.15
CA TRP C 2 -2.48 -1.88 35.39
C TRP C 2 -3.24 -2.46 36.58
N ILE C 3 -2.54 -3.20 37.41
CA ILE C 3 -3.13 -3.83 38.56
C ILE C 3 -2.22 -3.49 39.74
N ILE C 4 -2.82 -3.16 40.88
CA ILE C 4 -2.07 -2.98 42.12
C ILE C 4 -2.51 -4.00 43.16
N GLU C 5 -1.53 -4.44 43.93
CA GLU C 5 -1.78 -5.35 45.04
C GLU C 5 -0.66 -5.12 46.04
N ALA C 6 -0.89 -5.55 47.27
CA ALA C 6 0.11 -5.37 48.32
C ALA C 6 0.04 -6.48 49.34
N GLU C 7 1.15 -6.70 50.03
CA GLU C 7 1.15 -7.66 51.11
C GLU C 7 0.79 -6.92 52.41
N GLY C 8 0.52 -7.66 53.48
CA GLY C 8 0.20 -7.06 54.78
C GLY C 8 -1.09 -6.26 54.90
N ASP C 9 -2.08 -6.57 54.05
CA ASP C 9 -3.43 -6.00 54.15
C ASP C 9 -3.52 -4.47 54.03
N ILE C 10 -2.50 -3.84 53.44
CA ILE C 10 -2.51 -2.38 53.33
C ILE C 10 -3.47 -1.94 52.22
N LEU C 11 -3.84 -2.88 51.36
CA LEU C 11 -4.89 -2.69 50.34
C LEU C 11 -6.07 -3.62 50.60
N LYS C 12 -6.14 -4.08 51.85
CA LYS C 12 -7.30 -4.79 52.40
C LYS C 12 -7.55 -6.17 51.80
N GLY C 13 -6.47 -6.79 51.29
CA GLY C 13 -6.52 -8.12 50.68
C GLY C 13 -7.12 -8.12 49.29
N LYS C 14 -7.29 -6.94 48.71
CA LYS C 14 -7.89 -6.81 47.39
C LYS C 14 -6.83 -6.42 46.35
N SER C 15 -6.99 -6.95 45.16
CA SER C 15 -6.31 -6.43 43.99
C SER C 15 -7.19 -5.37 43.33
N ARG C 16 -6.56 -4.36 42.76
CA ARG C 16 -7.28 -3.29 42.09
C ARG C 16 -6.76 -3.08 40.68
N ILE C 17 -7.66 -3.08 39.72
CA ILE C 17 -7.35 -2.62 38.37
C ILE C 17 -7.39 -1.09 38.33
N LEU C 18 -6.31 -0.48 37.83
CA LEU C 18 -6.27 0.97 37.62
C LEU C 18 -6.42 1.37 36.15
N PHE C 19 -7.61 1.80 35.76
CA PHE C 19 -7.82 2.36 34.45
C PHE C 19 -7.12 3.71 34.31
N PRO C 20 -6.84 4.14 33.06
CA PRO C 20 -6.41 5.50 32.81
C PRO C 20 -7.27 6.48 33.58
N GLY C 21 -6.61 7.47 34.16
CA GLY C 21 -7.27 8.43 35.03
C GLY C 21 -6.34 8.85 36.14
N THR C 22 -6.87 9.60 37.09
CA THR C 22 -6.07 10.10 38.19
C THR C 22 -6.55 9.52 39.52
N TYR C 23 -5.61 9.24 40.42
CA TYR C 23 -5.92 8.62 41.70
C TYR C 23 -5.17 9.35 42.82
N ILE C 24 -5.88 9.70 43.88
CA ILE C 24 -5.21 10.21 45.08
C ILE C 24 -5.09 9.08 46.08
N VAL C 25 -3.88 8.87 46.55
CA VAL C 25 -3.54 7.72 47.36
C VAL C 25 -3.13 8.23 48.72
N GLY C 26 -3.73 7.71 49.78
CA GLY C 26 -3.32 8.14 51.14
C GLY C 26 -3.98 7.37 52.24
N ARG C 27 -3.61 7.67 53.48
CA ARG C 27 -4.13 6.92 54.62
C ARG C 27 -5.55 7.26 55.01
N ASN C 28 -5.98 8.48 54.65
CA ASN C 28 -7.27 8.98 55.11
C ASN C 28 -8.21 9.36 53.98
N VAL C 29 -8.09 8.65 52.87
CA VAL C 29 -8.94 8.87 51.74
C VAL C 29 -9.93 7.68 51.69
N SER C 30 -11.12 7.84 51.10
CA SER C 30 -12.01 6.66 50.91
C SER C 30 -11.96 6.12 49.48
N ASP C 31 -11.92 4.79 49.35
CA ASP C 31 -11.83 4.14 48.05
C ASP C 31 -13.03 4.46 47.17
N ASP C 32 -12.75 4.98 45.98
CA ASP C 32 -13.75 5.13 44.92
C ASP C 32 -12.97 5.14 43.62
N SER C 33 -13.60 5.55 42.52
CA SER C 33 -12.95 5.48 41.21
C SER C 33 -11.70 6.36 41.09
N SER C 34 -11.50 7.31 42.01
CA SER C 34 -10.36 8.20 41.90
C SER C 34 -9.53 8.34 43.18
N HIS C 35 -9.72 7.42 44.12
CA HIS C 35 -9.03 7.46 45.41
C HIS C 35 -8.71 6.05 45.88
N ILE C 36 -7.53 5.88 46.47
CA ILE C 36 -7.05 4.59 46.94
C ILE C 36 -6.59 4.76 48.38
N GLN C 37 -7.27 4.10 49.33
CA GLN C 37 -6.81 4.17 50.70
C GLN C 37 -5.75 3.11 51.00
N VAL C 38 -4.68 3.55 51.67
CA VAL C 38 -3.57 2.70 52.11
C VAL C 38 -3.29 3.09 53.55
N ILE C 39 -3.60 2.18 54.47
CA ILE C 39 -3.57 2.50 55.88
C ILE C 39 -2.24 2.05 56.47
N SER C 40 -1.40 3.03 56.77
CA SER C 40 -0.17 2.83 57.53
C SER C 40 0.17 4.21 58.03
N LYS C 41 0.72 4.28 59.24
CA LYS C 41 0.88 5.51 60.00
C LYS C 41 1.78 6.54 59.33
N SER C 42 2.80 6.08 58.64
CA SER C 42 3.80 6.95 58.01
C SER C 42 3.35 7.45 56.63
N ILE C 43 2.23 6.91 56.13
CA ILE C 43 1.58 7.43 54.92
C ILE C 43 0.70 8.65 55.28
N SER C 44 0.92 9.78 54.59
CA SER C 44 0.13 10.99 54.79
C SER C 44 -1.34 10.77 54.43
N LYS C 45 -2.20 11.60 55.02
CA LYS C 45 -3.63 11.50 54.79
C LYS C 45 -3.96 11.52 53.29
N ARG C 46 -3.30 12.43 52.57
CA ARG C 46 -3.21 12.45 51.12
C ARG C 46 -1.72 12.44 50.79
N HIS C 47 -1.25 11.31 50.24
CA HIS C 47 0.19 11.10 50.07
C HIS C 47 0.73 11.25 48.63
N ALA C 48 0.11 10.54 47.69
CA ALA C 48 0.59 10.56 46.32
C ALA C 48 -0.57 10.72 45.36
N ARG C 49 -0.24 11.12 44.14
CA ARG C 49 -1.20 11.09 43.08
C ARG C 49 -0.65 10.11 42.03
N PHE C 50 -1.47 9.13 41.64
CA PHE C 50 -1.17 8.29 40.47
C PHE C 50 -1.97 8.76 39.24
N THR C 51 -1.28 8.94 38.12
CA THR C 51 -1.91 9.28 36.86
C THR C 51 -1.53 8.22 35.86
N ILE C 52 -2.54 7.62 35.25
CA ILE C 52 -2.31 6.60 34.25
C ILE C 52 -2.82 7.14 32.95
N LEU C 53 -1.92 7.24 31.97
CA LEU C 53 -2.30 7.77 30.67
C LEU C 53 -2.95 6.68 29.87
N THR C 54 -3.82 7.11 28.99
CA THR C 54 -4.48 6.28 28.02
C THR C 54 -3.43 5.66 27.02
N PRO C 55 -3.70 4.45 26.49
CA PRO C 55 -2.69 3.84 25.59
C PRO C 55 -2.54 4.56 24.24
N SER C 56 -1.38 4.41 23.62
CA SER C 56 -1.19 4.83 22.23
C SER C 56 -1.27 3.63 21.30
N GLU C 57 -1.41 3.90 20.00
CA GLU C 57 -1.47 2.82 18.99
C GLU C 57 -0.23 1.91 19.01
N LYS C 58 0.92 2.50 19.28
CA LYS C 58 2.16 1.74 19.39
C LYS C 58 2.10 0.58 20.39
N ASP C 59 1.41 0.78 21.51
CA ASP C 59 1.33 -0.23 22.58
C ASP C 59 0.60 -1.52 22.19
N TYR C 60 -0.35 -1.40 21.28
CA TYR C 60 -0.99 -2.58 20.66
C TYR C 60 0.04 -3.52 19.99
N PHE C 61 1.10 -2.95 19.43
CA PHE C 61 2.11 -3.73 18.71
C PHE C 61 3.30 -4.13 19.61
N THR C 62 3.66 -3.27 20.56
CA THR C 62 4.82 -3.51 21.45
C THR C 62 4.48 -4.25 22.74
N GLY C 63 3.21 -4.23 23.13
CA GLY C 63 2.81 -4.79 24.42
C GLY C 63 3.19 -3.90 25.60
N GLY C 64 3.56 -2.66 25.33
CA GLY C 64 3.98 -1.72 26.37
C GLY C 64 2.81 -1.23 27.22
N PRO C 65 3.11 -0.81 28.44
CA PRO C 65 2.04 -0.41 29.35
C PRO C 65 1.62 1.03 29.14
N CYS C 66 0.42 1.36 29.58
CA CYS C 66 0.02 2.75 29.75
C CYS C 66 1.02 3.41 30.66
N GLU C 67 1.40 4.63 30.30
CA GLU C 67 2.33 5.39 31.10
C GLU C 67 1.75 5.67 32.51
N PHE C 68 2.58 5.47 33.53
CA PHE C 68 2.19 5.51 34.93
C PHE C 68 2.99 6.60 35.59
N GLU C 69 2.32 7.67 35.99
CA GLU C 69 3.00 8.76 36.67
C GLU C 69 2.70 8.79 38.18
N VAL C 70 3.71 9.16 38.94
CA VAL C 70 3.57 9.29 40.38
C VAL C 70 4.02 10.69 40.79
N LYS C 71 3.17 11.40 41.54
CA LYS C 71 3.56 12.66 42.19
C LYS C 71 3.49 12.49 43.71
N ASP C 72 4.57 12.84 44.39
CA ASP C 72 4.55 12.94 45.84
C ASP C 72 3.90 14.27 46.26
N LEU C 73 2.96 14.20 47.20
CA LEU C 73 2.17 15.38 47.60
C LEU C 73 2.76 16.12 48.82
N ASP C 74 4.01 16.58 48.68
CA ASP C 74 4.74 17.22 49.78
C ASP C 74 4.61 16.51 51.10
N THR C 75 4.90 15.22 51.11
CA THR C 75 4.70 14.44 52.31
C THR C 75 5.89 14.50 53.26
N LYS C 76 5.63 14.23 54.53
CA LYS C 76 6.68 14.10 55.53
C LYS C 76 7.73 13.05 55.12
N PHE C 77 7.27 11.86 54.74
CA PHE C 77 8.20 10.76 54.58
C PHE C 77 8.53 10.42 53.13
N GLY C 78 7.91 11.12 52.19
CA GLY C 78 8.21 10.92 50.75
C GLY C 78 7.64 9.67 50.10
N THR C 79 7.92 9.52 48.81
CA THR C 79 7.51 8.37 48.03
C THR C 79 8.69 7.90 47.17
N LYS C 80 8.85 6.58 47.02
CA LYS C 80 9.79 5.99 46.08
C LYS C 80 9.09 5.03 45.13
N VAL C 81 9.65 4.86 43.95
CA VAL C 81 9.17 3.88 42.99
C VAL C 81 10.39 3.12 42.53
N ASN C 82 10.38 1.80 42.68
CA ASN C 82 11.57 0.95 42.45
C ASN C 82 12.82 1.54 43.09
N GLU C 83 12.73 1.84 44.40
CA GLU C 83 13.82 2.40 45.20
C GLU C 83 14.31 3.79 44.80
N LYS C 84 13.66 4.41 43.83
CA LYS C 84 14.07 5.74 43.38
C LYS C 84 13.12 6.79 43.95
N VAL C 85 13.69 7.75 44.69
CA VAL C 85 12.94 8.87 45.26
C VAL C 85 12.12 9.61 44.19
N VAL C 86 10.83 9.77 44.47
CA VAL C 86 9.96 10.56 43.61
C VAL C 86 10.25 12.02 43.87
N GLY C 87 10.76 12.68 42.84
CA GLY C 87 11.17 14.07 42.98
C GLY C 87 10.00 15.03 43.02
N GLN C 88 10.34 16.30 43.15
CA GLN C 88 9.41 17.38 42.91
C GLN C 88 9.09 17.26 41.42
N ASN C 89 7.91 17.70 41.01
CA ASN C 89 7.47 17.57 39.60
C ASN C 89 6.89 16.20 39.25
N GLY C 90 7.33 15.16 39.96
CA GLY C 90 6.86 13.79 39.76
C GLY C 90 7.73 13.01 38.78
N ASP C 91 7.44 11.72 38.61
CA ASP C 91 8.15 10.88 37.64
C ASP C 91 7.18 10.09 36.76
N SER C 92 7.60 9.79 35.54
CA SER C 92 6.86 8.95 34.61
C SER C 92 7.54 7.61 34.47
N TYR C 93 6.76 6.55 34.38
CA TYR C 93 7.30 5.21 34.20
C TYR C 93 6.58 4.47 33.09
N LYS C 94 7.36 3.71 32.31
CA LYS C 94 6.84 2.83 31.29
C LYS C 94 7.30 1.36 31.49
N GLU C 95 7.72 1.00 32.70
CA GLU C 95 8.05 -0.40 32.95
C GLU C 95 6.81 -1.12 33.40
N LYS C 96 6.88 -2.44 33.44
CA LYS C 96 5.70 -3.25 33.64
C LYS C 96 5.54 -3.70 35.08
N ASP C 97 6.43 -3.19 35.93
CA ASP C 97 6.57 -3.57 37.33
C ASP C 97 7.04 -2.39 38.12
N LEU C 98 6.22 -1.91 39.04
CA LEU C 98 6.59 -0.80 39.91
C LEU C 98 6.38 -1.18 41.38
N LYS C 99 7.41 -0.97 42.20
CA LYS C 99 7.32 -1.15 43.64
C LYS C 99 7.19 0.23 44.23
N ILE C 100 6.01 0.56 44.73
CA ILE C 100 5.80 1.91 45.24
C ILE C 100 5.88 1.95 46.76
N GLN C 101 6.84 2.69 47.29
CA GLN C 101 6.98 2.85 48.72
C GLN C 101 6.44 4.21 49.13
N LEU C 102 5.36 4.18 49.91
CA LEU C 102 4.73 5.38 50.41
C LEU C 102 5.19 5.60 51.86
N GLY C 103 5.84 6.74 52.08
CA GLY C 103 6.43 7.03 53.38
C GLY C 103 7.43 5.95 53.72
N LYS C 104 7.25 5.38 54.90
CA LYS C 104 8.11 4.32 55.38
C LYS C 104 7.25 3.06 55.58
N CYS C 105 6.12 2.98 54.88
CA CYS C 105 5.23 1.84 55.01
C CYS C 105 6.02 0.54 54.82
N PRO C 106 5.85 -0.44 55.74
CA PRO C 106 6.60 -1.70 55.62
C PRO C 106 6.26 -2.56 54.41
N PHE C 107 5.20 -2.20 53.68
CA PHE C 107 4.78 -2.96 52.52
C PHE C 107 4.66 -2.02 51.32
N THR C 108 5.03 -2.52 50.14
CA THR C 108 5.01 -1.70 48.95
C THR C 108 3.72 -1.92 48.19
N ILE C 109 3.29 -0.89 47.46
CA ILE C 109 2.24 -1.05 46.50
C ILE C 109 2.92 -1.57 45.26
N ASN C 110 2.58 -2.79 44.90
CA ASN C 110 3.14 -3.44 43.74
C ASN C 110 2.20 -3.23 42.58
N ALA C 111 2.57 -2.32 41.68
CA ALA C 111 1.86 -2.11 40.43
C ALA C 111 2.43 -3.05 39.35
N TYR C 112 1.58 -3.76 38.64
CA TYR C 112 2.09 -4.53 37.53
C TYR C 112 1.20 -4.48 36.31
N TRP C 113 1.81 -4.43 35.15
CA TRP C 113 1.08 -4.40 33.90
C TRP C 113 0.73 -5.84 33.53
N ARG C 114 -0.56 -6.11 33.48
CA ARG C 114 -1.04 -7.39 32.97
C ARG C 114 -1.28 -7.19 31.49
N SER C 115 -0.58 -7.96 30.66
CA SER C 115 -0.66 -7.83 29.21
C SER C 115 -2.07 -8.05 28.69
N MET C 116 -2.58 -7.08 27.96
CA MET C 116 -3.87 -7.26 27.28
C MET C 116 -3.98 -6.31 26.10
N CYS C 117 -3.93 -6.88 24.88
CA CYS C 117 -4.08 -6.18 23.62
C CYS C 117 -5.07 -6.99 22.80
N ILE C 118 -6.06 -6.29 22.25
CA ILE C 118 -7.16 -6.96 21.59
C ILE C 118 -7.13 -6.62 20.11
N GLN C 119 -6.98 -7.66 19.30
CA GLN C 119 -7.12 -7.52 17.84
C GLN C 119 -8.57 -7.73 17.44
N PHE C 120 -9.05 -6.93 16.49
CA PHE C 120 -10.40 -7.07 15.92
C PHE C 120 -10.36 -7.64 14.50
N ASP C 121 -11.32 -8.50 14.19
CA ASP C 121 -11.44 -9.13 12.86
C ASP C 121 -11.92 -8.06 11.90
N ASN C 122 -12.73 -7.18 12.43
CA ASN C 122 -13.59 -6.35 11.64
C ASN C 122 -13.38 -4.87 11.96
N PRO C 123 -13.06 -4.05 10.93
CA PRO C 123 -12.87 -2.59 11.05
C PRO C 123 -14.03 -1.86 11.72
N GLU C 124 -15.24 -2.26 11.40
CA GLU C 124 -16.45 -1.57 11.88
C GLU C 124 -16.72 -1.89 13.35
N MET C 125 -16.36 -3.10 13.76
CA MET C 125 -16.48 -3.50 15.16
C MET C 125 -15.40 -2.85 16.01
N LEU C 126 -14.21 -2.68 15.44
CA LEU C 126 -13.18 -1.88 16.09
C LEU C 126 -13.63 -0.43 16.28
N SER C 127 -14.18 0.17 15.21
CA SER C 127 -14.69 1.54 15.25
C SER C 127 -15.65 1.75 16.43
N GLN C 128 -16.50 0.75 16.65
CA GLN C 128 -17.45 0.73 17.75
C GLN C 128 -16.80 0.66 19.15
N TRP C 129 -15.81 -0.21 19.34
CA TRP C 129 -15.27 -0.53 20.66
C TRP C 129 -13.95 0.16 21.04
N ALA C 130 -13.21 0.66 20.06
CA ALA C 130 -11.87 1.20 20.28
C ALA C 130 -11.80 2.21 21.43
N SER C 131 -12.67 3.22 21.36
CA SER C 131 -12.60 4.34 22.29
C SER C 131 -12.86 3.91 23.73
N ASN C 132 -13.86 3.06 23.93
CA ASN C 132 -14.17 2.58 25.27
C ASN C 132 -13.12 1.66 25.85
N LEU C 133 -12.47 0.84 25.01
CA LEU C 133 -11.38 -0.01 25.48
C LEU C 133 -10.11 0.78 25.78
N ASN C 134 -9.81 1.79 24.96
CA ASN C 134 -8.73 2.77 25.24
C ASN C 134 -8.88 3.35 26.65
N LEU C 135 -10.10 3.72 27.02
CA LEU C 135 -10.38 4.28 28.36
C LEU C 135 -10.20 3.29 29.52
N LEU C 136 -10.21 1.99 29.24
CA LEU C 136 -9.88 0.96 30.23
C LEU C 136 -8.41 0.63 30.29
N GLY C 137 -7.65 1.12 29.30
CA GLY C 137 -6.22 0.87 29.25
C GLY C 137 -5.88 -0.34 28.39
N ILE C 138 -6.79 -0.65 27.45
CA ILE C 138 -6.65 -1.81 26.58
C ILE C 138 -6.38 -1.36 25.14
N PRO C 139 -5.12 -1.50 24.70
CA PRO C 139 -4.74 -1.21 23.33
C PRO C 139 -5.48 -2.12 22.36
N THR C 140 -5.77 -1.57 21.20
CA THR C 140 -6.68 -2.17 20.27
C THR C 140 -6.14 -2.05 18.82
N GLY C 141 -6.50 -2.97 17.94
CA GLY C 141 -6.12 -2.84 16.52
C GLY C 141 -6.67 -3.88 15.55
N LEU C 142 -6.28 -3.74 14.28
CA LEU C 142 -6.70 -4.64 13.21
C LEU C 142 -5.55 -5.54 12.75
N ARG C 143 -4.38 -4.91 12.53
CA ARG C 143 -3.20 -5.51 11.93
C ARG C 143 -2.55 -6.53 12.88
N ASP C 144 -1.75 -7.42 12.32
CA ASP C 144 -1.10 -8.44 13.15
C ASP C 144 -0.11 -7.81 14.14
N SER C 145 -0.11 -8.34 15.35
CA SER C 145 0.77 -7.88 16.40
C SER C 145 1.21 -9.07 17.20
N ASP C 146 2.47 -9.09 17.62
CA ASP C 146 2.93 -10.16 18.51
C ASP C 146 2.57 -9.92 19.96
N ALA C 147 1.95 -8.77 20.25
CA ALA C 147 1.50 -8.48 21.61
C ALA C 147 0.03 -8.77 21.84
N THR C 148 -0.66 -9.22 20.79
CA THR C 148 -2.07 -9.54 20.88
C THR C 148 -2.33 -10.67 21.89
N THR C 149 -3.30 -10.48 22.78
CA THR C 149 -3.62 -11.52 23.75
C THR C 149 -4.99 -12.06 23.43
N HIS C 150 -5.82 -11.23 22.79
CA HIS C 150 -7.20 -11.56 22.50
C HIS C 150 -7.59 -11.24 21.08
N PHE C 151 -8.45 -12.05 20.47
CA PHE C 151 -8.93 -11.80 19.12
C PHE C 151 -10.44 -11.79 19.13
N VAL C 152 -11.03 -10.68 18.67
CA VAL C 152 -12.49 -10.60 18.56
C VAL C 152 -12.92 -11.02 17.16
N MET C 153 -13.50 -12.20 17.05
CA MET C 153 -14.00 -12.63 15.76
C MET C 153 -15.38 -12.07 15.48
N ASN C 154 -15.73 -12.02 14.20
CA ASN C 154 -17.01 -11.50 13.77
C ASN C 154 -18.10 -12.42 14.31
N ARG C 155 -19.12 -11.83 14.92
CA ARG C 155 -20.21 -12.57 15.54
C ARG C 155 -21.23 -12.95 14.46
N GLN C 156 -20.68 -13.27 13.30
CA GLN C 156 -21.43 -13.51 12.08
C GLN C 156 -21.69 -15.00 11.97
N ALA C 157 -22.86 -15.44 12.44
CA ALA C 157 -23.23 -16.85 12.34
C ALA C 157 -23.42 -17.22 10.87
N GLY C 158 -22.71 -18.25 10.42
CA GLY C 158 -22.80 -18.71 9.03
C GLY C 158 -21.55 -18.46 8.18
N SER C 159 -20.92 -17.30 8.38
CA SER C 159 -19.78 -16.87 7.55
C SER C 159 -18.54 -17.70 7.82
N SER C 160 -17.78 -17.98 6.76
CA SER C 160 -16.55 -18.73 6.90
C SER C 160 -15.50 -17.92 7.65
N ILE C 161 -14.68 -18.64 8.40
CA ILE C 161 -13.59 -18.11 9.21
C ILE C 161 -12.63 -17.23 8.36
N THR C 162 -12.28 -16.05 8.87
CA THR C 162 -11.21 -15.26 8.24
C THR C 162 -9.80 -15.79 8.54
N VAL C 163 -8.84 -15.41 7.71
CA VAL C 163 -7.42 -15.71 7.93
C VAL C 163 -6.89 -15.18 9.28
N GLY C 164 -7.28 -13.97 9.64
CA GLY C 164 -6.95 -13.47 10.97
C GLY C 164 -7.40 -14.38 12.12
N THR C 165 -8.60 -14.94 12.01
CA THR C 165 -9.15 -15.85 13.02
C THR C 165 -8.40 -17.19 13.08
N MET C 166 -8.10 -17.74 11.90
CA MET C 166 -7.29 -18.96 11.80
C MET C 166 -5.93 -18.78 12.45
N TYR C 167 -5.29 -17.66 12.15
CA TYR C 167 -3.93 -17.39 12.65
C TYR C 167 -3.93 -17.25 14.19
N ALA C 168 -4.95 -16.56 14.72
CA ALA C 168 -5.10 -16.38 16.18
C ALA C 168 -5.31 -17.71 16.86
N PHE C 169 -6.17 -18.54 16.29
CA PHE C 169 -6.36 -19.89 16.79
C PHE C 169 -5.04 -20.68 16.83
N LEU C 170 -4.29 -20.66 15.73
CA LEU C 170 -3.04 -21.42 15.62
C LEU C 170 -1.94 -20.93 16.55
N LYS C 171 -1.88 -19.61 16.75
CA LYS C 171 -0.92 -18.98 17.70
C LYS C 171 -1.31 -19.17 19.14
N LYS C 172 -2.47 -19.79 19.37
CA LYS C 172 -3.03 -20.02 20.71
C LYS C 172 -3.49 -18.74 21.41
N THR C 173 -3.85 -17.74 20.62
CA THR C 173 -4.50 -16.53 21.09
C THR C 173 -5.95 -16.85 21.50
N VAL C 174 -6.39 -16.25 22.61
CA VAL C 174 -7.76 -16.42 23.11
C VAL C 174 -8.73 -15.73 22.17
N ILE C 175 -9.66 -16.49 21.59
CA ILE C 175 -10.62 -15.90 20.71
C ILE C 175 -11.88 -15.61 21.50
N ILE C 176 -12.35 -14.37 21.39
CA ILE C 176 -13.54 -13.95 22.10
C ILE C 176 -14.49 -13.34 21.12
N ASP C 177 -15.58 -12.86 21.67
CA ASP C 177 -16.71 -12.40 20.91
C ASP C 177 -17.19 -11.06 21.44
N ASP C 178 -18.15 -10.50 20.72
CA ASP C 178 -18.96 -9.38 21.11
C ASP C 178 -19.56 -9.50 22.54
N SER C 179 -19.92 -10.72 22.93
CA SER C 179 -20.49 -11.01 24.24
C SER C 179 -19.48 -10.79 25.35
N TYR C 180 -18.20 -10.96 25.06
CA TYR C 180 -17.19 -10.66 26.04
C TYR C 180 -17.08 -9.14 26.21
N LEU C 181 -17.15 -8.41 25.11
CA LEU C 181 -16.99 -6.96 25.13
C LEU C 181 -18.13 -6.24 25.82
N GLN C 182 -19.35 -6.73 25.62
CA GLN C 182 -20.54 -6.24 26.32
C GLN C 182 -20.48 -6.56 27.81
N TYR C 183 -19.81 -7.65 28.16
CA TYR C 183 -19.67 -8.04 29.56
C TYR C 183 -18.70 -7.17 30.33
N LEU C 184 -17.61 -6.72 29.73
CA LEU C 184 -16.74 -5.80 30.45
C LEU C 184 -17.17 -4.34 30.26
N SER C 185 -18.30 -4.15 29.58
CA SER C 185 -18.91 -2.84 29.47
C SER C 185 -19.77 -2.64 30.72
N THR C 186 -20.64 -3.61 30.98
CA THR C 186 -21.58 -3.58 32.09
C THR C 186 -20.90 -3.70 33.47
N VAL C 187 -19.75 -4.35 33.51
CA VAL C 187 -19.04 -4.57 34.78
C VAL C 187 -17.70 -3.82 34.82
N LYS C 188 -17.59 -2.74 34.07
CA LYS C 188 -16.35 -1.95 34.05
C LYS C 188 -16.15 -1.08 35.31
N GLU C 189 -17.24 -0.74 36.01
CA GLU C 189 -17.18 0.16 37.18
C GLU C 189 -16.78 -0.53 38.49
N SER C 190 -16.97 -1.86 38.54
CA SER C 190 -16.59 -2.65 39.71
C SER C 190 -15.16 -3.17 39.59
N VAL C 191 -14.40 -3.04 40.68
CA VAL C 191 -13.09 -3.67 40.79
C VAL C 191 -12.89 -4.27 42.20
N SER C 196 -11.31 -6.83 41.17
CA SER C 196 -10.34 -7.19 40.13
C SER C 196 -10.68 -8.54 39.49
N LEU C 197 -11.71 -9.19 40.00
CA LEU C 197 -12.17 -10.47 39.46
C LEU C 197 -13.25 -10.21 38.41
N MET C 198 -12.82 -10.19 37.15
CA MET C 198 -13.64 -9.74 36.02
C MET C 198 -13.74 -10.86 34.98
N PRO C 199 -14.62 -10.70 33.95
CA PRO C 199 -14.92 -11.70 32.91
C PRO C 199 -13.77 -12.62 32.50
N ASP C 200 -13.99 -13.92 32.64
CA ASP C 200 -13.00 -14.90 32.19
C ASP C 200 -13.08 -15.13 30.68
N ALA C 201 -12.08 -14.59 29.98
CA ALA C 201 -11.98 -14.69 28.54
C ALA C 201 -11.84 -16.14 28.05
N LEU C 202 -11.09 -16.94 28.80
CA LEU C 202 -10.83 -18.35 28.46
C LEU C 202 -12.10 -19.20 28.36
N GLU C 203 -13.07 -18.94 29.25
CA GLU C 203 -14.38 -19.61 29.21
C GLU C 203 -15.20 -19.25 27.97
N CYS C 204 -15.14 -17.98 27.58
CA CYS C 204 -15.76 -17.47 26.36
C CYS C 204 -15.12 -18.17 25.13
N PHE C 205 -13.80 -18.28 25.16
CA PHE C 205 -13.00 -18.97 24.16
C PHE C 205 -13.40 -20.45 24.02
N LYS C 206 -13.60 -21.14 25.15
CA LYS C 206 -14.00 -22.54 25.15
C LYS C 206 -15.39 -22.74 24.56
N ASN C 207 -16.30 -21.83 24.87
CA ASN C 207 -17.65 -21.81 24.30
C ASN C 207 -17.70 -21.63 22.79
N ILE C 208 -16.78 -20.83 22.25
CA ILE C 208 -16.74 -20.54 20.83
C ILE C 208 -16.18 -21.72 20.04
N ILE C 209 -14.99 -22.19 20.42
CA ILE C 209 -14.37 -23.36 19.79
C ILE C 209 -15.30 -24.57 19.78
N LYS C 210 -15.75 -24.97 20.97
CA LYS C 210 -16.54 -26.18 21.19
C LYS C 210 -17.76 -26.25 20.27
N ASN C 211 -18.32 -25.09 19.97
CA ASN C 211 -19.59 -25.02 19.27
C ASN C 211 -19.48 -24.62 17.80
N ASN C 212 -18.32 -24.10 17.40
CA ASN C 212 -18.15 -23.56 16.05
C ASN C 212 -17.54 -24.57 15.08
N ASP C 213 -18.24 -24.82 13.98
CA ASP C 213 -17.83 -25.84 13.01
C ASP C 213 -16.59 -25.45 12.18
N GLN C 214 -16.12 -24.21 12.32
CA GLN C 214 -14.93 -23.72 11.60
C GLN C 214 -13.64 -24.00 12.38
N PHE C 215 -13.79 -24.60 13.55
CA PHE C 215 -12.67 -24.92 14.40
C PHE C 215 -12.57 -26.43 14.62
N PRO C 216 -11.34 -26.95 14.70
CA PRO C 216 -11.20 -28.32 15.17
C PRO C 216 -11.12 -28.31 16.70
N SER C 217 -10.91 -29.48 17.29
CA SER C 217 -10.79 -29.63 18.75
C SER C 217 -9.70 -28.76 19.40
N SER C 218 -8.54 -28.64 18.74
CA SER C 218 -7.41 -27.87 19.28
C SER C 218 -6.53 -27.31 18.16
N PRO C 219 -5.78 -26.23 18.43
CA PRO C 219 -4.76 -25.79 17.46
C PRO C 219 -3.82 -26.92 17.03
N GLU C 220 -3.52 -27.85 17.94
CA GLU C 220 -2.57 -28.94 17.65
C GLU C 220 -3.10 -29.98 16.66
N ASP C 221 -4.39 -29.94 16.39
CA ASP C 221 -4.97 -30.76 15.31
C ASP C 221 -4.56 -30.20 13.95
N CYS C 222 -4.58 -28.87 13.82
CA CYS C 222 -4.27 -28.15 12.59
C CYS C 222 -2.79 -28.00 12.32
N ILE C 223 -2.03 -27.73 13.40
CA ILE C 223 -0.59 -27.57 13.34
C ILE C 223 0.08 -28.83 12.78
N ASN C 224 0.85 -28.65 11.69
CA ASN C 224 1.49 -29.76 10.94
C ASN C 224 0.61 -30.72 10.11
N SER C 225 -0.65 -30.35 9.91
CA SER C 225 -1.57 -31.17 9.10
C SER C 225 -1.17 -31.29 7.63
N LEU C 226 -0.34 -30.35 7.15
CA LEU C 226 0.10 -30.31 5.74
C LEU C 226 1.57 -30.69 5.58
N GLU C 227 2.19 -31.18 6.66
CA GLU C 227 3.58 -31.60 6.63
C GLU C 227 3.80 -32.58 5.50
N GLY C 228 4.77 -32.28 4.63
CA GLY C 228 4.96 -33.08 3.44
C GLY C 228 4.76 -32.26 2.19
N PHE C 229 3.92 -31.24 2.27
CA PHE C 229 3.63 -30.40 1.10
C PHE C 229 4.53 -29.17 1.04
N SER C 230 4.79 -28.71 -0.18
CA SER C 230 5.44 -27.43 -0.36
C SER C 230 4.58 -26.54 -1.24
N CYS C 231 4.67 -25.24 -1.00
CA CYS C 231 3.88 -24.26 -1.70
C CYS C 231 4.71 -23.06 -2.12
N ALA C 232 4.11 -22.22 -2.96
CA ALA C 232 4.71 -20.94 -3.32
C ALA C 232 3.69 -19.85 -3.07
N MET C 233 4.14 -18.69 -2.60
CA MET C 233 3.24 -17.55 -2.47
C MET C 233 3.90 -16.25 -2.94
N LEU C 234 3.10 -15.36 -3.52
CA LEU C 234 3.54 -14.04 -3.97
C LEU C 234 3.65 -13.04 -2.82
N ASN C 235 4.82 -12.45 -2.66
CA ASN C 235 5.08 -11.40 -1.64
C ASN C 235 4.56 -11.76 -0.26
N THR C 236 4.84 -13.00 0.14
CA THR C 236 4.43 -13.44 1.47
C THR C 236 4.90 -12.53 2.61
N SER C 237 3.96 -12.22 3.49
CA SER C 237 4.23 -11.45 4.70
C SER C 237 4.76 -12.42 5.73
N SER C 238 5.44 -11.91 6.75
CA SER C 238 5.95 -12.77 7.81
C SER C 238 4.83 -13.52 8.55
N GLU C 239 3.67 -12.87 8.68
CA GLU C 239 2.45 -13.48 9.30
C GLU C 239 1.93 -14.64 8.51
N SER C 240 1.73 -14.41 7.21
CA SER C 240 1.28 -15.45 6.31
C SER C 240 2.29 -16.58 6.29
N HIS C 241 3.58 -16.27 6.26
CA HIS C 241 4.66 -17.28 6.27
C HIS C 241 4.61 -18.12 7.55
N HIS C 242 4.43 -17.43 8.69
CA HIS C 242 4.27 -18.13 9.94
C HIS C 242 3.00 -19.02 10.01
N LEU C 243 1.87 -18.48 9.56
CA LEU C 243 0.63 -19.27 9.46
C LEU C 243 0.84 -20.55 8.63
N LEU C 244 1.43 -20.39 7.45
CA LEU C 244 1.71 -21.50 6.58
C LEU C 244 2.73 -22.48 7.15
N GLU C 245 3.75 -21.98 7.84
CA GLU C 245 4.70 -22.88 8.51
C GLU C 245 4.03 -23.66 9.65
N LEU C 246 3.15 -23.01 10.41
CA LEU C 246 2.35 -23.67 11.46
C LEU C 246 1.48 -24.81 10.92
N LEU C 247 1.04 -24.68 9.68
CA LEU C 247 0.33 -25.77 8.99
C LEU C 247 1.26 -26.89 8.54
N GLY C 248 2.55 -26.63 8.57
CA GLY C 248 3.55 -27.66 8.26
C GLY C 248 4.08 -27.57 6.84
N LEU C 249 3.77 -26.45 6.17
CA LEU C 249 4.19 -26.26 4.78
C LEU C 249 5.63 -25.84 4.66
N ARG C 250 6.25 -26.17 3.53
CA ARG C 250 7.50 -25.52 3.12
C ARG C 250 7.12 -24.46 2.09
N ILE C 251 7.61 -23.23 2.30
CA ILE C 251 7.18 -22.07 1.51
C ILE C 251 8.32 -21.50 0.62
N SER C 252 8.04 -21.30 -0.66
CA SER C 252 8.92 -20.51 -1.50
C SER C 252 8.22 -19.19 -1.84
N THR C 253 8.90 -18.09 -1.56
CA THR C 253 8.34 -16.77 -1.81
C THR C 253 8.91 -16.16 -3.09
N PHE C 254 8.02 -15.79 -4.00
CA PHE C 254 8.38 -15.09 -5.22
C PHE C 254 7.80 -13.69 -5.17
N MET C 255 8.42 -12.77 -5.89
CA MET C 255 8.10 -11.37 -5.76
C MET C 255 7.30 -10.90 -6.96
N SER C 256 7.41 -11.64 -8.05
CA SER C 256 6.75 -11.27 -9.30
C SER C 256 6.37 -12.49 -10.11
N LEU C 257 5.20 -12.42 -10.74
CA LEU C 257 4.59 -13.54 -11.49
C LEU C 257 5.49 -14.14 -12.57
N GLY C 258 6.45 -13.37 -13.05
CA GLY C 258 7.42 -13.86 -14.04
C GLY C 258 8.45 -14.82 -13.46
N ASP C 259 8.64 -14.75 -12.15
CA ASP C 259 9.69 -15.53 -11.47
C ASP C 259 9.23 -16.94 -11.11
N ILE C 260 7.97 -17.25 -11.43
CA ILE C 260 7.43 -18.60 -11.29
C ILE C 260 7.73 -19.42 -12.54
N ASP C 261 8.92 -20.01 -12.59
CA ASP C 261 9.37 -20.78 -13.74
C ASP C 261 9.18 -22.28 -13.54
N LYS C 262 9.95 -23.09 -14.26
CA LYS C 262 9.93 -24.55 -14.11
C LYS C 262 10.44 -24.98 -12.73
N GLU C 263 11.42 -24.24 -12.20
CA GLU C 263 11.99 -24.51 -10.88
C GLU C 263 11.09 -24.08 -9.70
N LEU C 264 10.17 -23.15 -9.93
CA LEU C 264 9.14 -22.78 -8.93
C LEU C 264 7.79 -23.44 -9.26
N ILE C 265 7.87 -24.62 -9.86
CA ILE C 265 6.70 -25.40 -10.25
C ILE C 265 6.95 -26.87 -9.91
N SER C 266 8.13 -27.36 -10.25
CA SER C 266 8.42 -28.79 -10.15
C SER C 266 8.68 -29.23 -8.70
N LYS C 267 9.17 -28.31 -7.87
CA LYS C 267 9.38 -28.58 -6.45
C LYS C 267 8.25 -28.02 -5.59
N THR C 268 7.15 -27.61 -6.22
CA THR C 268 6.04 -26.94 -5.51
C THR C 268 4.74 -27.69 -5.81
N ASP C 269 3.98 -28.02 -4.78
CA ASP C 269 2.71 -28.75 -4.96
C ASP C 269 1.56 -27.83 -5.37
N PHE C 270 1.53 -26.61 -4.84
CA PHE C 270 0.53 -25.62 -5.23
C PHE C 270 1.02 -24.20 -4.97
N VAL C 271 0.41 -23.24 -5.65
CA VAL C 271 0.54 -21.83 -5.29
C VAL C 271 -0.51 -21.55 -4.22
N VAL C 272 -0.13 -20.82 -3.18
CA VAL C 272 -1.11 -20.24 -2.28
C VAL C 272 -1.34 -18.78 -2.66
N LEU C 273 -2.58 -18.44 -2.96
CA LEU C 273 -2.97 -17.07 -3.29
C LEU C 273 -2.82 -16.15 -2.08
N ASN C 274 -2.29 -14.95 -2.36
CA ASN C 274 -2.17 -13.88 -1.36
C ASN C 274 -3.36 -12.96 -1.53
N ASN C 275 -4.21 -12.87 -0.52
CA ASN C 275 -5.48 -12.12 -0.65
C ASN C 275 -5.49 -10.73 -0.01
N SER C 284 -2.68 -11.90 -13.51
CA SER C 284 -2.35 -13.00 -14.39
C SER C 284 -2.24 -14.32 -13.62
N PHE C 285 -1.99 -15.41 -14.35
CA PHE C 285 -1.74 -16.76 -13.81
C PHE C 285 -1.54 -17.71 -15.00
N PRO C 286 -0.39 -18.39 -15.05
CA PRO C 286 -0.11 -19.30 -16.17
C PRO C 286 -0.93 -20.58 -16.06
N GLU C 287 -1.15 -21.22 -17.21
CA GLU C 287 -1.90 -22.47 -17.26
C GLU C 287 -1.02 -23.62 -16.77
N GLY C 288 -1.65 -24.63 -16.14
CA GLY C 288 -0.93 -25.76 -15.56
C GLY C 288 -0.45 -25.41 -14.16
N ILE C 289 -0.99 -24.34 -13.62
CA ILE C 289 -0.63 -23.92 -12.26
C ILE C 289 -1.81 -24.18 -11.33
N PHE C 290 -1.58 -25.01 -10.32
CA PHE C 290 -2.60 -25.32 -9.31
C PHE C 290 -2.49 -24.33 -8.13
N CYS C 291 -3.56 -23.59 -7.89
CA CYS C 291 -3.65 -22.58 -6.83
C CYS C 291 -4.69 -22.97 -5.80
N LEU C 292 -4.44 -22.62 -4.54
CA LEU C 292 -5.40 -22.80 -3.46
C LEU C 292 -5.36 -21.56 -2.59
N THR C 293 -6.48 -21.21 -1.95
CA THR C 293 -6.45 -20.16 -0.95
C THR C 293 -6.24 -20.79 0.42
N ILE C 294 -5.85 -19.95 1.38
CA ILE C 294 -5.74 -20.35 2.77
C ILE C 294 -7.09 -20.89 3.29
N GLU C 295 -8.18 -20.20 2.94
CA GLU C 295 -9.52 -20.66 3.22
C GLU C 295 -9.82 -22.06 2.68
N GLN C 296 -9.46 -22.35 1.44
CA GLN C 296 -9.70 -23.70 0.92
C GLN C 296 -8.90 -24.73 1.74
N LEU C 297 -7.63 -24.43 1.99
CA LEU C 297 -6.78 -25.29 2.81
C LEU C 297 -7.37 -25.53 4.20
N TRP C 298 -7.77 -24.47 4.89
CA TRP C 298 -8.39 -24.58 6.22
C TRP C 298 -9.61 -25.50 6.19
N LYS C 299 -10.48 -25.28 5.20
CA LYS C 299 -11.66 -26.11 5.00
C LYS C 299 -11.31 -27.59 4.83
N ILE C 300 -10.32 -27.91 4.01
CA ILE C 300 -9.89 -29.31 3.81
C ILE C 300 -9.33 -29.92 5.12
N ILE C 301 -8.54 -29.12 5.86
CA ILE C 301 -7.93 -29.58 7.11
C ILE C 301 -9.00 -29.88 8.14
N ILE C 302 -9.95 -28.95 8.30
CA ILE C 302 -11.08 -29.13 9.23
C ILE C 302 -11.97 -30.33 8.85
N GLU C 303 -12.25 -30.50 7.55
CA GLU C 303 -13.19 -31.53 7.12
C GLU C 303 -12.62 -32.94 7.06
N ARG C 304 -11.35 -33.08 6.68
CA ARG C 304 -10.70 -34.39 6.61
C ARG C 304 -9.98 -34.65 7.94
N ASN C 305 -9.93 -35.89 8.38
CA ASN C 305 -9.36 -36.13 9.73
C ASN C 305 -7.83 -36.03 9.68
N SER C 306 -7.24 -37.14 9.25
CA SER C 306 -5.81 -37.40 9.26
C SER C 306 -5.07 -36.64 8.19
N ARG C 307 -3.74 -36.65 8.27
CA ARG C 307 -2.88 -36.05 7.25
C ARG C 307 -3.06 -36.77 5.92
N GLU C 308 -3.35 -38.06 5.97
CA GLU C 308 -3.54 -38.89 4.79
C GLU C 308 -4.81 -38.54 4.00
N LEU C 309 -5.91 -38.25 4.70
CA LEU C 309 -7.15 -37.87 4.03
C LEU C 309 -7.07 -36.43 3.52
N ILE C 310 -6.41 -35.59 4.30
CA ILE C 310 -6.08 -34.23 3.86
C ILE C 310 -5.28 -34.25 2.53
N SER C 311 -4.20 -35.04 2.49
CA SER C 311 -3.37 -35.08 1.29
C SER C 311 -4.10 -35.71 0.09
N LYS C 312 -4.88 -36.76 0.32
CA LYS C 312 -5.73 -37.34 -0.73
C LYS C 312 -6.70 -36.31 -1.33
N GLU C 313 -7.35 -35.52 -0.47
CA GLU C 313 -8.26 -34.49 -0.97
C GLU C 313 -7.53 -33.42 -1.80
N ILE C 314 -6.39 -32.96 -1.30
CA ILE C 314 -5.57 -31.99 -2.06
C ILE C 314 -5.12 -32.52 -3.43
N GLU C 315 -4.64 -33.76 -3.43
CA GLU C 315 -4.23 -34.45 -4.65
C GLU C 315 -5.40 -34.67 -5.59
N ARG C 316 -6.57 -34.98 -5.05
CA ARG C 316 -7.78 -35.06 -5.86
C ARG C 316 -8.05 -33.72 -6.57
N LEU C 317 -8.03 -32.62 -5.82
CA LEU C 317 -8.29 -31.28 -6.39
C LEU C 317 -7.26 -30.90 -7.45
N LYS C 318 -5.99 -31.23 -7.21
CA LYS C 318 -4.91 -30.97 -8.16
C LYS C 318 -5.16 -31.68 -9.50
N TYR C 319 -5.61 -32.93 -9.43
CA TYR C 319 -5.90 -33.75 -10.58
C TYR C 319 -7.07 -33.19 -11.39
N ALA C 320 -8.21 -32.96 -10.72
CA ALA C 320 -9.41 -32.34 -11.30
C ALA C 320 -9.14 -30.96 -11.92
N THR C 321 -8.20 -30.21 -11.33
CA THR C 321 -7.84 -28.89 -11.84
C THR C 321 -6.94 -28.97 -13.10
N LEU C 322 -5.93 -29.85 -13.05
CA LEU C 322 -4.86 -29.88 -14.05
C LEU C 322 -4.92 -30.95 -15.13
N VAL C 323 -5.53 -32.10 -14.85
CA VAL C 323 -5.55 -33.18 -15.83
C VAL C 323 -6.77 -33.03 -16.72
N PRO C 324 -6.53 -32.94 -18.04
CA PRO C 324 -7.59 -32.85 -19.05
C PRO C 324 -8.50 -34.06 -19.03
N ARG C 325 -9.78 -33.84 -19.28
CA ARG C 325 -10.74 -34.92 -19.30
C ARG C 325 -10.89 -35.49 -20.69
N SEP D 6 34.73 -25.57 -12.51
CA SEP D 6 35.53 -25.81 -11.28
CB SEP D 6 36.02 -24.49 -10.69
C SEP D 6 34.71 -26.59 -10.25
O SEP D 6 33.56 -26.25 -9.98
N THR D 7 35.31 -27.65 -9.70
CA THR D 7 34.63 -28.50 -8.72
C THR D 7 35.01 -28.06 -7.32
N TPO D 8 34.01 -27.98 -6.45
CA TPO D 8 34.13 -27.54 -5.06
CB TPO D 8 32.70 -27.46 -4.51
CG2 TPO D 8 32.63 -26.78 -3.15
OG1 TPO D 8 31.81 -26.78 -5.41
P TPO D 8 30.60 -27.57 -6.16
O1P TPO D 8 29.77 -28.16 -5.05
O2P TPO D 8 31.30 -28.58 -7.04
O3P TPO D 8 29.86 -26.50 -6.95
C TPO D 8 34.92 -28.51 -4.21
O TPO D 8 34.67 -29.71 -4.26
N ASP D 9 35.90 -27.98 -3.45
CA ASP D 9 36.52 -28.74 -2.34
C ASP D 9 37.16 -27.80 -1.31
N GLU D 10 38.11 -28.31 -0.53
CA GLU D 10 38.68 -27.53 0.57
C GLU D 10 39.55 -26.35 0.13
S SCN E . 21.64 0.98 5.12
C SCN E . 21.20 2.47 4.27
N SCN E . 21.20 3.46 3.63
S SCN F . -16.67 11.28 -23.84
C SCN F . -15.72 10.19 -22.89
N SCN F . -15.02 9.73 -22.07
#